data_5V56
#
_entry.id   5V56
#
_cell.length_a   40.590
_cell.length_b   349.540
_cell.length_c   61.760
_cell.angle_alpha   90.00
_cell.angle_beta   101.10
_cell.angle_gamma   90.00
#
_symmetry.space_group_name_H-M   'P 1 21 1'
#
loop_
_entity.id
_entity.type
_entity.pdbx_description
1 polymer 'Smoothened homolog,Flavodoxin,Smoothened homolog'
2 non-polymer N-methyl-N-[1-[4-(2-methylpyrazol-3-yl)phthalazin-1-yl]piperidin-4-yl]-4-nitro-2-(trifluoromethyl)benzamide
3 non-polymer 'FLAVIN MONONUCLEOTIDE'
4 non-polymer 2-acetamido-2-deoxy-beta-D-glucopyranose
#
_entity_poly.entity_id   1
_entity_poly.type   'polypeptide(L)'
_entity_poly.pdbx_seq_one_letter_code
;AVTGPPPPLSHCGRAAPCEPLRYNVCLGSVLPYGATSTLLAGDSDSQEEAHGKLVLWSGLRNAPRCWAVIQPLLCAVYMP
KCENDRVELPSRTLCQATRGPCAIVERERGWPDFLRCTPDRFPEGCTNEVQNIKFNSSGQCMVPLVRTDNPKSWYEDVEG
CGIQCQNPLFTEAEHQDMHSYIAAFGAVTGLCTLFTLATFVADWRNSNRYPAVILFYVNACFFVGSIGWLAQFMDGARRE
IVCRADGTMRLGEPTSNETLSCVIIFVIVYYALMAGVVWFVVLTYAWHTSFKALGTTYQPLSGKTSYFHLLTWSLPFVLT
VAILAVAQVDGDSVSGICFVGYKNYRYRAGFVLAPIGLVLIVGGYFLIRGVMTLFSIKSNHAKALIVYGSTTGNTEYTAE
TIARELADAGYEVDSRDAASVEAGGLFEGFDLVLLGCSTWGDDSIELQDDFIPLFDSLEETGAQGRKVACFGCGDSSWEY
FCGAVDAIEEKLKNLGAEIVQDGLRIDGDPRAARDDIVGWAHDVRGAIKINETMLRLGIFGFLAFGFVLITFSCHFYDFF
NQAEWERSFRDYVLCQANVTIGLPTKQPIPDCEIKNRPSLLVEKINLFAMFGTGIAMSTWVWTKATLLIWRRTWCRLTGQ
SDDHHHHHHHHHH
;
_entity_poly.pdbx_strand_id   A,B
#
# COMPACT_ATOMS: atom_id res chain seq x y z
N PRO A 7 -110.26 29.90 49.36
CA PRO A 7 -110.04 31.00 50.32
C PRO A 7 -108.63 30.95 50.94
N PRO A 8 -108.02 32.11 51.33
CA PRO A 8 -106.67 32.05 51.93
C PRO A 8 -106.66 31.48 53.35
N LEU A 9 -105.64 30.63 53.65
CA LEU A 9 -105.45 30.00 54.96
C LEU A 9 -105.04 31.02 56.03
N SER A 10 -105.46 30.78 57.28
CA SER A 10 -105.13 31.64 58.43
C SER A 10 -103.65 31.54 58.82
N HIS A 11 -103.02 30.37 58.61
CA HIS A 11 -101.60 30.12 58.93
C HIS A 11 -100.67 30.58 57.82
N CYS A 12 -101.21 30.87 56.61
CA CYS A 12 -100.46 31.34 55.44
C CYS A 12 -100.47 32.88 55.34
N GLY A 13 -100.94 33.53 56.40
CA GLY A 13 -101.01 34.99 56.51
C GLY A 13 -100.83 35.49 57.93
N ARG A 14 -100.30 36.71 58.07
CA ARG A 14 -100.05 37.35 59.36
C ARG A 14 -100.69 38.74 59.41
N ALA A 15 -101.16 39.15 60.61
CA ALA A 15 -101.79 40.45 60.83
C ALA A 15 -100.73 41.55 60.91
N ALA A 16 -100.83 42.52 59.96
CA ALA A 16 -99.91 43.66 59.85
C ALA A 16 -100.58 44.86 59.18
N PRO A 17 -100.26 46.11 59.60
CA PRO A 17 -100.90 47.28 58.96
C PRO A 17 -100.38 47.52 57.53
N CYS A 18 -101.29 47.51 56.55
CA CYS A 18 -100.97 47.67 55.12
C CYS A 18 -100.64 49.12 54.79
N GLU A 19 -99.52 49.31 54.06
CA GLU A 19 -99.04 50.63 53.62
C GLU A 19 -98.88 50.62 52.08
N PRO A 20 -99.26 51.71 51.36
CA PRO A 20 -99.16 51.70 49.89
C PRO A 20 -97.71 51.64 49.38
N LEU A 21 -97.50 50.90 48.28
CA LEU A 21 -96.19 50.69 47.66
C LEU A 21 -95.59 51.96 47.09
N ARG A 22 -94.42 52.36 47.63
CA ARG A 22 -93.67 53.53 47.20
C ARG A 22 -92.90 53.21 45.91
N TYR A 23 -92.58 51.91 45.70
CA TYR A 23 -91.87 51.36 44.53
C TYR A 23 -92.77 50.38 43.83
N ASN A 24 -93.07 50.61 42.54
CA ASN A 24 -93.97 49.75 41.75
C ASN A 24 -93.22 48.54 41.10
N VAL A 25 -91.89 48.45 41.31
CA VAL A 25 -91.04 47.42 40.74
C VAL A 25 -90.17 46.73 41.83
N CYS A 26 -90.05 45.39 41.75
CA CYS A 26 -89.25 44.57 42.65
C CYS A 26 -88.24 43.76 41.84
N LEU A 27 -86.96 44.20 41.88
CA LEU A 27 -85.80 43.62 41.21
C LEU A 27 -86.03 43.49 39.67
N GLY A 28 -86.62 44.53 39.07
CA GLY A 28 -86.88 44.59 37.64
C GLY A 28 -88.23 44.08 37.17
N SER A 29 -89.04 43.50 38.08
CA SER A 29 -90.37 42.97 37.74
C SER A 29 -91.49 43.78 38.41
N VAL A 30 -92.58 44.02 37.65
CA VAL A 30 -93.76 44.78 38.10
C VAL A 30 -94.58 43.92 39.09
N LEU A 31 -95.20 44.58 40.08
CA LEU A 31 -96.00 43.90 41.11
C LEU A 31 -97.51 44.03 40.83
N PRO A 32 -98.29 42.92 40.97
CA PRO A 32 -99.74 43.03 40.69
C PRO A 32 -100.55 43.74 41.79
N TYR A 33 -99.98 43.87 43.00
CA TYR A 33 -100.62 44.50 44.15
C TYR A 33 -100.12 45.94 44.37
N GLY A 34 -100.85 46.67 45.24
CA GLY A 34 -100.55 48.07 45.55
C GLY A 34 -100.14 48.36 46.98
N ALA A 35 -100.36 47.41 47.90
CA ALA A 35 -100.01 47.58 49.32
C ALA A 35 -99.02 46.52 49.80
N THR A 36 -98.08 46.94 50.68
CA THR A 36 -97.03 46.06 51.21
C THR A 36 -96.87 46.19 52.74
N SER A 37 -95.91 45.44 53.32
CA SER A 37 -95.57 45.43 54.76
C SER A 37 -94.06 45.19 54.97
N THR A 38 -93.47 45.82 56.02
CA THR A 38 -92.05 45.70 56.37
C THR A 38 -91.87 44.76 57.60
N LEU A 39 -92.90 43.93 57.88
CA LEU A 39 -92.93 43.00 59.01
C LEU A 39 -92.10 41.73 58.74
N LEU A 40 -92.17 41.18 57.49
CA LEU A 40 -91.45 39.96 57.11
C LEU A 40 -89.94 40.16 57.10
N ALA A 41 -89.46 41.37 56.74
CA ALA A 41 -88.03 41.72 56.74
C ALA A 41 -87.65 42.27 58.13
N GLY A 42 -86.85 41.51 58.86
CA GLY A 42 -86.41 41.83 60.22
C GLY A 42 -85.37 42.93 60.30
N ASP A 43 -84.59 43.11 59.23
CA ASP A 43 -83.53 44.11 59.14
C ASP A 43 -84.08 45.48 58.72
N SER A 44 -85.24 45.51 58.05
CA SER A 44 -85.87 46.73 57.54
C SER A 44 -87.13 47.13 58.33
N ASP A 45 -87.25 48.45 58.62
CA ASP A 45 -88.37 49.07 59.32
C ASP A 45 -89.25 49.83 58.33
N SER A 46 -88.63 50.45 57.30
CA SER A 46 -89.33 51.23 56.28
C SER A 46 -89.15 50.65 54.89
N GLN A 47 -89.99 51.11 53.91
CA GLN A 47 -89.96 50.70 52.50
C GLN A 47 -88.66 51.16 51.82
N GLU A 48 -88.11 52.31 52.28
CA GLU A 48 -86.86 52.88 51.77
C GLU A 48 -85.68 51.99 52.21
N GLU A 49 -85.78 51.40 53.43
CA GLU A 49 -84.77 50.50 53.98
C GLU A 49 -84.80 49.14 53.28
N ALA A 50 -86.01 48.57 53.05
CA ALA A 50 -86.22 47.29 52.34
C ALA A 50 -85.64 47.36 50.92
N HIS A 51 -85.85 48.51 50.23
CA HIS A 51 -85.33 48.76 48.89
C HIS A 51 -83.81 48.84 48.93
N GLY A 52 -83.27 49.45 49.99
CA GLY A 52 -81.83 49.59 50.21
C GLY A 52 -81.14 48.25 50.42
N LYS A 53 -81.84 47.31 51.09
CA LYS A 53 -81.32 45.97 51.37
C LYS A 53 -81.36 45.09 50.11
N LEU A 54 -82.34 45.34 49.20
CA LEU A 54 -82.47 44.62 47.93
C LEU A 54 -81.31 44.94 46.99
N VAL A 55 -80.77 46.18 47.07
CA VAL A 55 -79.62 46.67 46.28
C VAL A 55 -78.35 45.88 46.70
N LEU A 56 -78.22 45.57 48.01
CA LEU A 56 -77.10 44.80 48.55
C LEU A 56 -77.27 43.33 48.18
N TRP A 57 -78.52 42.84 48.19
CA TRP A 57 -78.88 41.47 47.84
C TRP A 57 -78.76 41.24 46.32
N SER A 58 -78.83 42.31 45.50
CA SER A 58 -78.72 42.19 44.03
C SER A 58 -77.27 41.95 43.60
N GLY A 59 -76.35 41.91 44.57
CA GLY A 59 -74.94 41.61 44.38
C GLY A 59 -74.71 40.15 44.03
N LEU A 60 -75.77 39.35 44.21
CA LEU A 60 -75.84 37.92 43.92
C LEU A 60 -76.26 37.64 42.47
N ARG A 61 -76.19 38.67 41.57
CA ARG A 61 -76.47 38.54 40.14
C ARG A 61 -75.44 37.60 39.54
N ASN A 62 -74.20 37.74 40.02
CA ASN A 62 -73.11 36.83 39.72
C ASN A 62 -73.48 35.53 40.41
N ALA A 63 -73.07 34.40 39.90
CA ALA A 63 -73.51 33.08 40.38
C ALA A 63 -75.02 33.00 40.24
N PRO A 64 -75.40 33.10 38.97
CA PRO A 64 -76.81 33.14 38.56
C PRO A 64 -77.73 31.97 38.92
N ARG A 65 -77.24 30.74 39.02
CA ARG A 65 -78.14 29.63 39.37
C ARG A 65 -78.73 29.86 40.75
N CYS A 66 -78.08 30.72 41.53
CA CYS A 66 -78.57 31.16 42.81
C CYS A 66 -79.50 32.36 42.59
N TRP A 67 -79.12 33.29 41.69
CA TRP A 67 -79.87 34.50 41.37
C TRP A 67 -81.29 34.22 40.90
N ALA A 68 -81.49 33.15 40.09
CA ALA A 68 -82.80 32.75 39.57
C ALA A 68 -83.76 32.29 40.68
N VAL A 69 -83.26 31.60 41.71
CA VAL A 69 -84.09 31.11 42.81
C VAL A 69 -84.21 32.15 43.95
N ILE A 70 -83.19 33.01 44.16
CA ILE A 70 -83.21 33.99 45.25
C ILE A 70 -84.09 35.20 44.91
N GLN A 71 -84.28 35.53 43.61
CA GLN A 71 -85.10 36.65 43.16
C GLN A 71 -86.55 36.61 43.70
N PRO A 72 -87.37 35.51 43.51
CA PRO A 72 -88.73 35.53 44.05
C PRO A 72 -88.79 35.55 45.57
N LEU A 73 -87.86 34.86 46.26
CA LEU A 73 -87.82 34.81 47.72
C LEU A 73 -87.54 36.18 48.32
N LEU A 74 -86.64 36.97 47.71
CA LEU A 74 -86.33 38.31 48.19
C LEU A 74 -87.49 39.27 47.98
N CYS A 75 -88.29 39.07 46.92
CA CYS A 75 -89.46 39.90 46.65
C CYS A 75 -90.61 39.53 47.59
N ALA A 76 -90.75 38.24 47.93
CA ALA A 76 -91.79 37.73 48.81
C ALA A 76 -91.57 38.10 50.30
N VAL A 77 -90.36 38.56 50.67
CA VAL A 77 -90.02 38.93 52.06
C VAL A 77 -89.94 40.47 52.19
N TYR A 78 -89.15 41.14 51.34
CA TYR A 78 -88.96 42.59 51.41
C TYR A 78 -90.15 43.39 50.87
N MET A 79 -90.81 42.93 49.79
CA MET A 79 -91.97 43.62 49.22
C MET A 79 -93.17 42.65 49.07
N PRO A 80 -93.77 42.14 50.19
CA PRO A 80 -94.88 41.18 50.05
C PRO A 80 -96.26 41.81 49.81
N LYS A 81 -97.26 40.97 49.53
CA LYS A 81 -98.63 41.41 49.27
C LYS A 81 -99.36 41.65 50.60
N CYS A 82 -99.97 42.83 50.75
CA CYS A 82 -100.77 43.21 51.91
C CYS A 82 -102.18 43.57 51.45
N GLU A 83 -103.19 42.89 51.99
CA GLU A 83 -104.58 43.12 51.62
C GLU A 83 -105.50 42.90 52.82
N ASN A 84 -106.24 43.97 53.19
CA ASN A 84 -107.20 44.04 54.30
C ASN A 84 -106.53 43.71 55.66
N ASP A 85 -105.43 44.45 55.98
CA ASP A 85 -104.60 44.34 57.19
C ASP A 85 -104.08 42.91 57.43
N ARG A 86 -103.66 42.24 56.35
CA ARG A 86 -103.11 40.88 56.36
C ARG A 86 -102.02 40.76 55.29
N VAL A 87 -100.82 40.32 55.71
CA VAL A 87 -99.67 40.17 54.80
C VAL A 87 -99.47 38.67 54.47
N GLU A 88 -99.24 38.37 53.16
CA GLU A 88 -99.04 37.01 52.66
C GLU A 88 -97.65 36.48 52.99
N LEU A 89 -97.60 35.31 53.63
CA LEU A 89 -96.35 34.64 54.03
C LEU A 89 -95.76 33.81 52.87
N PRO A 90 -94.42 33.78 52.70
CA PRO A 90 -93.84 32.97 51.62
C PRO A 90 -93.81 31.49 52.00
N SER A 91 -94.12 30.58 51.05
CA SER A 91 -94.17 29.14 51.30
C SER A 91 -92.79 28.53 51.60
N ARG A 92 -92.78 27.35 52.27
CA ARG A 92 -91.58 26.61 52.66
C ARG A 92 -90.78 26.15 51.42
N THR A 93 -91.48 25.77 50.34
CA THR A 93 -90.90 25.31 49.07
C THR A 93 -90.07 26.41 48.39
N LEU A 94 -90.51 27.69 48.49
CA LEU A 94 -89.83 28.87 47.94
C LEU A 94 -88.53 29.16 48.70
N CYS A 95 -88.52 28.86 50.01
CA CYS A 95 -87.37 29.04 50.90
C CYS A 95 -86.35 27.94 50.69
N GLN A 96 -86.81 26.66 50.66
CA GLN A 96 -85.96 25.48 50.51
C GLN A 96 -85.26 25.42 49.14
N ALA A 97 -85.86 26.05 48.09
CA ALA A 97 -85.32 26.11 46.73
C ALA A 97 -84.02 26.92 46.63
N THR A 98 -83.79 27.86 47.57
CA THR A 98 -82.61 28.71 47.59
C THR A 98 -81.44 28.07 48.32
N ARG A 99 -81.71 27.37 49.44
CA ARG A 99 -80.72 26.73 50.32
C ARG A 99 -79.52 26.10 49.59
N GLY A 100 -79.81 25.25 48.60
CA GLY A 100 -78.80 24.57 47.79
C GLY A 100 -77.97 25.51 46.92
N PRO A 101 -78.55 26.07 45.83
CA PRO A 101 -77.76 26.94 44.93
C PRO A 101 -77.19 28.19 45.58
N CYS A 102 -77.81 28.70 46.66
CA CYS A 102 -77.34 29.90 47.34
C CYS A 102 -76.57 29.51 48.62
N ALA A 103 -75.59 28.59 48.48
CA ALA A 103 -74.73 28.21 49.60
C ALA A 103 -73.77 29.36 49.92
N ILE A 104 -73.41 30.17 48.88
CA ILE A 104 -72.56 31.37 48.94
C ILE A 104 -73.01 32.34 50.02
N VAL A 105 -74.35 32.44 50.23
CA VAL A 105 -74.97 33.29 51.24
C VAL A 105 -74.48 32.84 52.62
N GLU A 106 -74.67 31.55 52.98
CA GLU A 106 -74.25 30.97 54.27
C GLU A 106 -72.73 30.98 54.45
N ARG A 107 -71.95 30.98 53.34
CA ARG A 107 -70.48 31.02 53.40
C ARG A 107 -69.98 32.46 53.60
N GLU A 108 -70.62 33.45 52.94
CA GLU A 108 -70.21 34.86 53.01
C GLU A 108 -70.90 35.62 54.16
N ARG A 109 -72.21 35.94 54.02
CA ARG A 109 -72.97 36.74 54.98
C ARG A 109 -73.59 35.87 56.12
N GLY A 110 -74.22 34.76 55.76
CA GLY A 110 -74.91 33.84 56.66
C GLY A 110 -76.40 34.13 56.59
N TRP A 111 -77.25 33.10 56.52
CA TRP A 111 -78.70 33.31 56.41
C TRP A 111 -79.28 34.01 57.65
N PRO A 112 -79.97 35.17 57.47
CA PRO A 112 -80.54 35.88 58.65
C PRO A 112 -81.74 35.13 59.24
N ASP A 113 -82.11 35.48 60.49
CA ASP A 113 -83.22 34.89 61.25
C ASP A 113 -84.53 34.80 60.46
N PHE A 114 -84.88 35.86 59.70
CA PHE A 114 -86.12 35.95 58.92
C PHE A 114 -86.04 35.25 57.56
N LEU A 115 -84.83 34.89 57.08
CA LEU A 115 -84.69 34.21 55.78
C LEU A 115 -84.39 32.70 55.91
N ARG A 116 -84.27 32.19 57.15
CA ARG A 116 -84.10 30.76 57.41
C ARG A 116 -85.46 30.08 57.35
N CYS A 117 -85.52 28.89 56.75
CA CYS A 117 -86.77 28.15 56.56
C CYS A 117 -87.32 27.56 57.86
N THR A 118 -88.02 28.40 58.63
CA THR A 118 -88.69 28.05 59.87
C THR A 118 -90.16 27.79 59.49
N PRO A 119 -90.87 26.74 59.98
CA PRO A 119 -92.29 26.56 59.59
C PRO A 119 -93.17 27.73 60.05
N ASP A 120 -92.71 28.49 61.07
CA ASP A 120 -93.35 29.66 61.64
C ASP A 120 -93.29 30.84 60.65
N ARG A 121 -92.11 31.09 60.05
CA ARG A 121 -91.87 32.19 59.11
C ARG A 121 -92.23 31.79 57.67
N PHE A 122 -92.04 30.50 57.32
CA PHE A 122 -92.30 29.93 56.00
C PHE A 122 -93.21 28.70 56.15
N PRO A 123 -94.55 28.86 56.06
CA PRO A 123 -95.44 27.70 56.24
C PRO A 123 -95.60 26.84 54.99
N GLU A 124 -95.98 25.58 55.20
CA GLU A 124 -96.16 24.60 54.13
C GLU A 124 -97.50 24.74 53.41
N GLY A 125 -97.45 24.74 52.08
CA GLY A 125 -98.62 24.83 51.21
C GLY A 125 -99.32 26.16 51.20
N CYS A 126 -98.60 27.24 50.82
CA CYS A 126 -99.15 28.60 50.74
C CYS A 126 -98.96 29.16 49.32
N THR A 127 -99.90 30.00 48.85
CA THR A 127 -99.81 30.63 47.53
C THR A 127 -98.81 31.79 47.63
N ASN A 128 -97.66 31.61 46.97
CA ASN A 128 -96.52 32.51 46.97
C ASN A 128 -96.78 33.90 46.39
N GLU A 129 -97.70 34.02 45.40
CA GLU A 129 -98.05 35.25 44.66
C GLU A 129 -96.91 35.64 43.69
N VAL A 130 -95.64 35.42 44.11
CA VAL A 130 -94.45 35.68 43.30
C VAL A 130 -94.30 34.60 42.21
N GLN A 131 -95.01 33.46 42.34
CA GLN A 131 -95.04 32.34 41.38
C GLN A 131 -95.65 32.80 40.05
N ASN A 132 -96.66 33.69 40.10
CA ASN A 132 -97.33 34.26 38.92
C ASN A 132 -96.40 35.28 38.26
N ILE A 133 -95.61 36.02 39.09
CA ILE A 133 -94.67 37.06 38.64
C ILE A 133 -93.49 36.40 37.91
N LYS A 134 -93.22 36.86 36.69
CA LYS A 134 -92.13 36.36 35.85
C LYS A 134 -90.88 37.25 36.03
N PHE A 135 -89.76 36.62 36.40
CA PHE A 135 -88.47 37.28 36.60
C PHE A 135 -87.57 36.93 35.43
N ASN A 136 -87.45 37.87 34.48
CA ASN A 136 -86.67 37.68 33.27
C ASN A 136 -85.17 37.72 33.49
N SER A 137 -84.71 38.59 34.40
CA SER A 137 -83.31 38.79 34.69
C SER A 137 -82.58 37.49 34.99
N SER A 138 -81.44 37.30 34.35
CA SER A 138 -80.66 36.07 34.48
C SER A 138 -79.37 36.24 35.29
N GLY A 139 -78.73 37.41 35.21
CA GLY A 139 -77.43 37.64 35.82
C GLY A 139 -76.35 37.21 34.85
N GLN A 140 -75.08 37.36 35.24
CA GLN A 140 -73.99 36.98 34.34
C GLN A 140 -72.73 36.61 35.12
N CYS A 141 -71.75 35.95 34.46
CA CYS A 141 -70.50 35.59 35.14
C CYS A 141 -69.43 36.63 34.85
N MET A 142 -68.60 36.93 35.86
CA MET A 142 -67.52 37.90 35.78
C MET A 142 -66.38 37.39 34.90
N VAL A 143 -65.50 38.29 34.43
CA VAL A 143 -64.37 38.07 33.49
C VAL A 143 -63.65 36.76 33.62
N PRO A 144 -63.12 36.40 34.80
CA PRO A 144 -62.37 35.14 34.91
C PRO A 144 -63.25 33.93 34.63
N LEU A 145 -64.51 33.98 35.02
CA LEU A 145 -65.44 32.87 34.85
C LEU A 145 -66.25 32.97 33.57
N VAL A 146 -67.05 31.93 33.31
CA VAL A 146 -67.88 31.88 32.11
C VAL A 146 -69.15 31.06 32.41
N ARG A 147 -70.30 31.49 31.85
CA ARG A 147 -71.58 30.83 32.07
C ARG A 147 -71.58 29.44 31.42
N THR A 148 -71.74 28.42 32.27
CA THR A 148 -71.77 27.03 31.87
C THR A 148 -73.02 26.35 32.44
N ASP A 149 -73.74 25.62 31.58
CA ASP A 149 -74.95 24.91 31.97
C ASP A 149 -74.60 23.59 32.65
N ASN A 150 -73.43 23.00 32.30
CA ASN A 150 -72.91 21.74 32.82
C ASN A 150 -72.59 21.84 34.33
N PRO A 151 -73.21 20.97 35.17
CA PRO A 151 -72.94 21.01 36.63
C PRO A 151 -71.53 20.57 37.01
N LYS A 152 -70.92 19.72 36.17
CA LYS A 152 -69.58 19.20 36.37
C LYS A 152 -68.53 20.31 36.14
N SER A 153 -68.90 21.41 35.44
CA SER A 153 -68.02 22.52 35.13
C SER A 153 -68.13 23.72 36.09
N TRP A 154 -68.97 23.61 37.13
CA TRP A 154 -69.17 24.71 38.08
C TRP A 154 -68.03 24.84 39.06
N TYR A 155 -67.51 26.08 39.22
CA TYR A 155 -66.38 26.38 40.11
C TYR A 155 -66.85 26.63 41.54
N GLU A 156 -66.47 25.72 42.45
CA GLU A 156 -66.73 25.74 43.89
C GLU A 156 -68.16 26.19 44.24
N ASP A 157 -68.26 27.30 45.01
CA ASP A 157 -69.45 27.97 45.52
C ASP A 157 -70.30 28.61 44.43
N VAL A 158 -69.67 29.22 43.41
CA VAL A 158 -70.36 29.95 42.34
C VAL A 158 -71.05 28.96 41.39
N GLU A 159 -72.30 28.57 41.69
CA GLU A 159 -73.07 27.67 40.83
C GLU A 159 -73.59 28.45 39.63
N GLY A 160 -73.50 27.84 38.45
CA GLY A 160 -73.92 28.46 37.19
C GLY A 160 -72.76 28.97 36.36
N CYS A 161 -71.63 29.29 37.03
CA CYS A 161 -70.38 29.77 36.41
C CYS A 161 -69.31 28.71 36.49
N GLY A 162 -68.35 28.80 35.58
CA GLY A 162 -67.22 27.90 35.55
C GLY A 162 -65.92 28.62 35.21
N ILE A 163 -64.79 28.09 35.72
CA ILE A 163 -63.45 28.64 35.48
C ILE A 163 -63.10 28.49 33.98
N GLN A 164 -62.83 29.61 33.30
CA GLN A 164 -62.49 29.66 31.87
C GLN A 164 -61.29 28.78 31.50
N CYS A 165 -61.20 28.41 30.22
CA CYS A 165 -60.16 27.54 29.69
C CYS A 165 -58.74 28.13 29.83
N GLN A 166 -58.50 29.36 29.32
CA GLN A 166 -57.21 30.06 29.40
C GLN A 166 -56.87 30.38 30.86
N ASN A 167 -55.67 30.00 31.33
CA ASN A 167 -55.22 30.20 32.70
C ASN A 167 -55.27 31.68 33.10
N PRO A 168 -56.09 32.05 34.12
CA PRO A 168 -56.21 33.47 34.50
C PRO A 168 -54.97 34.05 35.19
N LEU A 169 -54.03 33.20 35.66
CA LEU A 169 -52.82 33.65 36.33
C LEU A 169 -51.76 34.17 35.34
N PHE A 170 -51.87 33.79 34.05
CA PHE A 170 -50.86 34.18 33.06
C PHE A 170 -51.51 34.91 31.88
N THR A 171 -50.86 36.01 31.45
CA THR A 171 -51.31 36.87 30.35
C THR A 171 -51.22 36.16 28.99
N GLU A 172 -51.90 36.72 27.97
CA GLU A 172 -51.86 36.22 26.58
C GLU A 172 -50.42 36.31 26.04
N ALA A 173 -49.68 37.37 26.43
CA ALA A 173 -48.29 37.61 26.07
C ALA A 173 -47.40 36.48 26.61
N GLU A 174 -47.68 36.02 27.85
CA GLU A 174 -46.96 34.94 28.51
C GLU A 174 -47.34 33.60 27.89
N HIS A 175 -48.59 33.47 27.38
CA HIS A 175 -49.09 32.27 26.71
C HIS A 175 -48.38 32.10 25.37
N GLN A 176 -48.29 33.19 24.59
CA GLN A 176 -47.62 33.24 23.29
C GLN A 176 -46.12 32.93 23.42
N ASP A 177 -45.48 33.49 24.48
CA ASP A 177 -44.05 33.30 24.80
C ASP A 177 -43.74 31.84 25.15
N MET A 178 -44.57 31.20 26.01
CA MET A 178 -44.39 29.80 26.40
C MET A 178 -44.65 28.88 25.22
N HIS A 179 -45.65 29.18 24.38
CA HIS A 179 -45.99 28.37 23.21
C HIS A 179 -44.88 28.39 22.19
N SER A 180 -44.18 29.54 22.03
CA SER A 180 -43.05 29.68 21.11
C SER A 180 -41.90 28.81 21.61
N TYR A 181 -41.69 28.80 22.94
CA TYR A 181 -40.64 28.05 23.63
C TYR A 181 -40.85 26.53 23.48
N ILE A 182 -42.10 26.03 23.58
CA ILE A 182 -42.42 24.61 23.43
C ILE A 182 -42.27 24.23 21.94
N ALA A 183 -42.69 25.13 21.01
CA ALA A 183 -42.59 24.91 19.57
C ALA A 183 -41.12 24.72 19.14
N ALA A 184 -40.22 25.60 19.64
CA ALA A 184 -38.79 25.56 19.33
C ALA A 184 -38.14 24.25 19.83
N PHE A 185 -38.23 23.97 21.14
CA PHE A 185 -37.64 22.78 21.74
C PHE A 185 -38.27 21.49 21.22
N GLY A 186 -39.60 21.47 21.11
CA GLY A 186 -40.35 20.32 20.63
C GLY A 186 -39.97 19.91 19.21
N ALA A 187 -39.88 20.91 18.28
CA ALA A 187 -39.52 20.71 16.87
C ALA A 187 -38.10 20.17 16.70
N VAL A 188 -37.13 20.75 17.45
CA VAL A 188 -35.72 20.34 17.43
C VAL A 188 -35.59 18.90 17.95
N THR A 189 -36.16 18.60 19.15
CA THR A 189 -36.12 17.27 19.75
C THR A 189 -36.80 16.25 18.83
N GLY A 190 -37.94 16.60 18.26
CA GLY A 190 -38.66 15.75 17.31
C GLY A 190 -37.84 15.40 16.08
N LEU A 191 -37.16 16.42 15.50
CA LEU A 191 -36.30 16.31 14.32
C LEU A 191 -35.05 15.48 14.61
N CYS A 192 -34.33 15.79 15.71
CA CYS A 192 -33.10 15.13 16.13
C CYS A 192 -33.32 13.65 16.43
N THR A 193 -34.33 13.31 17.25
CA THR A 193 -34.65 11.93 17.61
C THR A 193 -35.10 11.14 16.39
N LEU A 194 -35.85 11.78 15.45
CA LEU A 194 -36.33 11.15 14.21
C LEU A 194 -35.15 10.66 13.38
N PHE A 195 -34.11 11.50 13.26
CA PHE A 195 -32.89 11.22 12.52
C PHE A 195 -32.18 10.01 13.13
N THR A 196 -32.09 9.93 14.48
CA THR A 196 -31.44 8.85 15.23
C THR A 196 -32.22 7.54 15.08
N LEU A 197 -33.57 7.59 15.17
CA LEU A 197 -34.41 6.40 15.00
C LEU A 197 -34.29 5.86 13.56
N ALA A 198 -34.07 6.78 12.57
CA ALA A 198 -33.93 6.48 11.15
C ALA A 198 -32.61 5.75 10.82
N THR A 199 -31.46 6.23 11.35
CA THR A 199 -30.15 5.59 11.09
C THR A 199 -30.07 4.25 11.81
N PHE A 200 -30.74 4.11 12.94
CA PHE A 200 -30.77 2.87 13.69
C PHE A 200 -31.53 1.82 12.90
N VAL A 201 -32.66 2.19 12.24
CA VAL A 201 -33.44 1.21 11.46
C VAL A 201 -32.79 0.96 10.07
N ALA A 202 -31.98 1.92 9.58
CA ALA A 202 -31.25 1.83 8.30
C ALA A 202 -30.06 0.85 8.41
N ASP A 203 -29.69 0.47 9.64
CA ASP A 203 -28.59 -0.43 10.00
C ASP A 203 -29.09 -1.38 11.12
N TRP A 204 -30.41 -1.65 11.11
CA TRP A 204 -31.17 -2.42 12.10
C TRP A 204 -30.52 -3.75 12.58
N ARG A 205 -30.10 -4.63 11.65
CA ARG A 205 -29.48 -5.93 11.94
C ARG A 205 -28.20 -5.76 12.78
N ASN A 206 -27.39 -4.72 12.48
CA ASN A 206 -26.12 -4.45 13.17
C ASN A 206 -26.34 -3.61 14.43
N SER A 207 -27.24 -2.62 14.37
CA SER A 207 -27.48 -1.73 15.48
C SER A 207 -28.30 -2.38 16.63
N ASN A 208 -28.88 -3.58 16.40
CA ASN A 208 -29.66 -4.29 17.41
C ASN A 208 -28.81 -4.86 18.55
N ARG A 209 -27.46 -4.70 18.48
CA ARG A 209 -26.52 -5.13 19.50
C ARG A 209 -26.91 -4.46 20.81
N TYR A 210 -26.99 -5.26 21.89
CA TYR A 210 -27.49 -4.87 23.21
C TYR A 210 -26.84 -3.62 23.87
N PRO A 211 -25.53 -3.31 23.78
CA PRO A 211 -25.04 -2.09 24.46
C PRO A 211 -25.63 -0.79 23.90
N ALA A 212 -25.78 -0.71 22.57
CA ALA A 212 -26.26 0.47 21.84
C ALA A 212 -27.77 0.52 21.56
N VAL A 213 -28.46 -0.62 21.62
CA VAL A 213 -29.90 -0.72 21.34
C VAL A 213 -30.75 0.08 22.37
N ILE A 214 -30.20 0.31 23.60
CA ILE A 214 -30.83 1.07 24.68
C ILE A 214 -31.11 2.49 24.18
N LEU A 215 -30.10 3.10 23.52
CA LEU A 215 -30.13 4.44 22.97
C LEU A 215 -31.20 4.59 21.91
N PHE A 216 -31.57 3.50 21.20
CA PHE A 216 -32.64 3.55 20.20
C PHE A 216 -33.99 3.75 20.91
N TYR A 217 -34.23 2.95 21.96
CA TYR A 217 -35.47 3.02 22.73
C TYR A 217 -35.54 4.31 23.58
N VAL A 218 -34.37 4.85 24.06
CA VAL A 218 -34.30 6.13 24.80
C VAL A 218 -34.75 7.24 23.83
N ASN A 219 -34.30 7.17 22.58
CA ASN A 219 -34.68 8.12 21.53
C ASN A 219 -36.16 7.98 21.14
N ALA A 220 -36.66 6.72 21.07
CA ALA A 220 -38.03 6.42 20.72
C ALA A 220 -39.02 7.12 21.65
N CYS A 221 -38.75 7.11 22.98
CA CYS A 221 -39.57 7.74 24.02
C CYS A 221 -39.64 9.25 23.85
N PHE A 222 -38.47 9.91 23.71
CA PHE A 222 -38.40 11.35 23.53
C PHE A 222 -39.03 11.80 22.21
N PHE A 223 -39.04 10.93 21.16
CA PHE A 223 -39.69 11.23 19.89
C PHE A 223 -41.23 11.23 20.05
N VAL A 224 -41.78 10.21 20.71
CA VAL A 224 -43.21 10.07 20.95
C VAL A 224 -43.69 11.23 21.88
N GLY A 225 -42.91 11.52 22.93
CA GLY A 225 -43.16 12.62 23.85
C GLY A 225 -43.24 13.96 23.14
N SER A 226 -42.34 14.18 22.15
CA SER A 226 -42.29 15.39 21.34
C SER A 226 -43.59 15.61 20.59
N ILE A 227 -44.22 14.52 20.09
CA ILE A 227 -45.50 14.57 19.36
C ILE A 227 -46.64 15.13 20.27
N GLY A 228 -46.71 14.65 21.52
CA GLY A 228 -47.67 15.09 22.52
C GLY A 228 -47.58 16.56 22.83
N TRP A 229 -46.34 17.08 22.95
CA TRP A 229 -46.07 18.49 23.21
C TRP A 229 -46.34 19.37 21.99
N LEU A 230 -46.15 18.82 20.77
CA LEU A 230 -46.33 19.59 19.53
C LEU A 230 -47.75 19.55 18.96
N ALA A 231 -48.59 18.62 19.46
CA ALA A 231 -49.97 18.45 18.98
C ALA A 231 -50.80 19.72 19.11
N GLN A 232 -50.57 20.51 20.18
CA GLN A 232 -51.23 21.79 20.48
C GLN A 232 -51.07 22.86 19.37
N PHE A 233 -50.14 22.63 18.43
CA PHE A 233 -49.82 23.55 17.36
C PHE A 233 -50.64 23.34 16.09
N MET A 234 -51.40 22.25 15.99
CA MET A 234 -52.30 22.03 14.86
C MET A 234 -53.46 23.00 14.97
N ASP A 235 -54.08 23.35 13.84
CA ASP A 235 -55.18 24.31 13.79
C ASP A 235 -56.32 23.96 14.78
N GLY A 236 -56.37 24.73 15.88
CA GLY A 236 -57.36 24.61 16.94
C GLY A 236 -57.27 23.39 17.84
N ALA A 237 -56.16 22.63 17.77
CA ALA A 237 -56.01 21.44 18.59
C ALA A 237 -55.93 21.78 20.06
N ARG A 238 -55.17 22.80 20.42
CA ARG A 238 -54.98 23.21 21.80
C ARG A 238 -56.30 23.31 22.56
N ARG A 239 -57.32 23.96 21.97
CA ARG A 239 -58.64 24.13 22.61
C ARG A 239 -59.43 22.81 22.72
N GLU A 240 -59.11 21.80 21.87
CA GLU A 240 -59.77 20.48 21.93
C GLU A 240 -59.14 19.66 23.06
N ILE A 241 -57.84 19.93 23.34
CA ILE A 241 -57.06 19.23 24.34
C ILE A 241 -57.29 19.87 25.71
N VAL A 242 -57.26 21.20 25.80
CA VAL A 242 -57.34 21.93 27.08
C VAL A 242 -58.79 22.30 27.49
N CYS A 243 -59.65 22.78 26.58
CA CYS A 243 -61.01 23.21 26.96
C CYS A 243 -62.06 22.12 26.81
N ARG A 244 -63.07 22.17 27.70
CA ARG A 244 -64.26 21.32 27.68
C ARG A 244 -65.16 21.79 26.55
N ALA A 245 -66.17 20.97 26.18
CA ALA A 245 -67.11 21.28 25.10
C ALA A 245 -67.81 22.65 25.31
N ASP A 246 -68.17 22.98 26.57
CA ASP A 246 -68.82 24.23 26.95
C ASP A 246 -67.86 25.46 26.78
N GLY A 247 -66.69 25.40 27.42
CA GLY A 247 -65.68 26.46 27.32
C GLY A 247 -64.82 26.63 28.56
N THR A 248 -64.98 25.74 29.54
CA THR A 248 -64.23 25.75 30.79
C THR A 248 -63.00 24.84 30.68
N MET A 249 -61.97 25.05 31.52
CA MET A 249 -60.77 24.23 31.49
C MET A 249 -61.06 22.79 31.97
N ARG A 250 -60.34 21.83 31.40
CA ARG A 250 -60.48 20.41 31.73
C ARG A 250 -59.80 20.10 33.05
N LEU A 251 -60.57 19.52 33.98
CA LEU A 251 -60.13 19.16 35.33
C LEU A 251 -60.70 17.80 35.70
N GLY A 252 -59.91 17.01 36.43
CA GLY A 252 -60.32 15.68 36.88
C GLY A 252 -60.76 14.74 35.77
N GLU A 253 -59.94 14.73 34.71
CA GLU A 253 -60.03 13.97 33.47
C GLU A 253 -59.57 12.53 33.88
N PRO A 254 -60.11 11.34 33.48
CA PRO A 254 -61.14 10.98 32.50
C PRO A 254 -62.53 11.31 33.05
N THR A 255 -63.38 11.85 32.17
CA THR A 255 -64.67 12.38 32.55
C THR A 255 -65.78 12.00 31.55
N SER A 256 -67.02 12.05 32.01
CA SER A 256 -68.17 11.71 31.18
C SER A 256 -68.56 12.82 30.21
N ASN A 257 -69.08 12.41 29.03
CA ASN A 257 -69.60 13.25 27.94
C ASN A 257 -68.58 14.29 27.40
N GLU A 258 -67.30 13.90 27.31
CA GLU A 258 -66.21 14.74 26.78
C GLU A 258 -65.26 13.91 25.89
N THR A 259 -64.68 14.57 24.87
CA THR A 259 -63.77 13.95 23.87
C THR A 259 -62.48 13.38 24.54
N LEU A 260 -61.82 12.42 23.87
CA LEU A 260 -60.62 11.78 24.41
C LEU A 260 -59.33 12.60 24.16
N SER A 261 -59.42 13.69 23.36
CA SER A 261 -58.31 14.57 22.98
C SER A 261 -57.37 14.93 24.14
N CYS A 262 -57.87 15.04 25.37
CA CYS A 262 -57.10 15.37 26.57
C CYS A 262 -56.37 14.14 27.09
N VAL A 263 -57.08 12.99 27.25
CA VAL A 263 -56.47 11.75 27.78
C VAL A 263 -55.43 11.16 26.78
N ILE A 264 -55.66 11.31 25.46
CA ILE A 264 -54.75 10.82 24.42
C ILE A 264 -53.40 11.54 24.58
N ILE A 265 -53.42 12.88 24.58
CA ILE A 265 -52.22 13.72 24.74
C ILE A 265 -51.55 13.48 26.11
N PHE A 266 -52.34 13.22 27.16
CA PHE A 266 -51.75 12.93 28.47
C PHE A 266 -50.96 11.63 28.42
N VAL A 267 -51.55 10.54 27.84
CA VAL A 267 -50.91 9.22 27.74
C VAL A 267 -49.60 9.34 26.95
N ILE A 268 -49.63 10.04 25.80
CA ILE A 268 -48.46 10.27 24.94
C ILE A 268 -47.34 10.97 25.74
N VAL A 269 -47.65 12.11 26.39
CA VAL A 269 -46.66 12.88 27.17
C VAL A 269 -46.15 12.10 28.42
N TYR A 270 -47.03 11.67 29.33
CA TYR A 270 -46.63 11.01 30.56
C TYR A 270 -45.98 9.63 30.36
N TYR A 271 -46.58 8.75 29.50
CA TYR A 271 -46.04 7.40 29.28
C TYR A 271 -44.63 7.48 28.74
N ALA A 272 -44.40 8.34 27.71
CA ALA A 272 -43.09 8.53 27.08
C ALA A 272 -42.08 9.15 28.06
N LEU A 273 -42.56 10.02 28.97
CA LEU A 273 -41.73 10.66 30.00
C LEU A 273 -41.24 9.59 30.98
N MET A 274 -42.17 8.69 31.42
CA MET A 274 -41.88 7.63 32.36
C MET A 274 -41.11 6.48 31.73
N ALA A 275 -41.44 6.09 30.47
CA ALA A 275 -40.72 5.03 29.76
C ALA A 275 -39.28 5.44 29.49
N GLY A 276 -39.05 6.72 29.21
CA GLY A 276 -37.74 7.29 28.97
C GLY A 276 -36.86 7.26 30.22
N VAL A 277 -37.40 7.65 31.39
CA VAL A 277 -36.64 7.65 32.65
C VAL A 277 -36.32 6.21 33.12
N VAL A 278 -37.16 5.21 32.77
CA VAL A 278 -36.92 3.80 33.14
C VAL A 278 -35.81 3.26 32.22
N TRP A 279 -35.79 3.68 30.95
CA TRP A 279 -34.75 3.30 29.99
C TRP A 279 -33.40 3.90 30.39
N PHE A 280 -33.38 5.05 31.09
CA PHE A 280 -32.17 5.69 31.59
C PHE A 280 -31.53 4.78 32.66
N VAL A 281 -32.36 4.16 33.54
CA VAL A 281 -31.88 3.26 34.59
C VAL A 281 -31.26 1.99 33.94
N VAL A 282 -31.83 1.53 32.80
CA VAL A 282 -31.34 0.39 32.01
C VAL A 282 -29.93 0.75 31.49
N LEU A 283 -29.78 1.98 30.94
CA LEU A 283 -28.52 2.51 30.43
C LEU A 283 -27.44 2.54 31.51
N THR A 284 -27.80 2.99 32.74
CA THR A 284 -26.85 3.11 33.84
C THR A 284 -26.42 1.72 34.30
N TYR A 285 -27.37 0.78 34.40
CA TYR A 285 -27.12 -0.62 34.79
C TYR A 285 -26.18 -1.31 33.80
N ALA A 286 -26.48 -1.18 32.49
CA ALA A 286 -25.71 -1.77 31.38
C ALA A 286 -24.25 -1.32 31.39
N TRP A 287 -23.98 -0.02 31.54
CA TRP A 287 -22.61 0.53 31.57
C TRP A 287 -21.83 -0.04 32.78
N HIS A 288 -22.50 -0.08 33.93
CA HIS A 288 -21.94 -0.58 35.17
C HIS A 288 -21.54 -2.07 35.08
N THR A 289 -22.41 -2.90 34.48
CA THR A 289 -22.21 -4.35 34.35
C THR A 289 -21.21 -4.72 33.24
N SER A 290 -21.11 -3.91 32.17
CA SER A 290 -20.21 -4.19 31.05
C SER A 290 -18.72 -4.18 31.45
N PHE A 291 -18.37 -3.45 32.54
CA PHE A 291 -17.01 -3.37 33.08
C PHE A 291 -16.55 -4.70 33.65
N LYS A 292 -17.35 -5.27 34.56
CA LYS A 292 -17.04 -6.51 35.27
C LYS A 292 -17.12 -7.76 34.36
N ALA A 293 -17.45 -7.57 33.06
CA ALA A 293 -17.50 -8.64 32.05
C ALA A 293 -16.09 -9.00 31.60
N LEU A 294 -15.16 -8.01 31.63
CA LEU A 294 -13.75 -8.16 31.25
C LEU A 294 -12.86 -8.29 32.49
N GLY A 295 -13.02 -7.37 33.44
CA GLY A 295 -12.25 -7.27 34.67
C GLY A 295 -12.34 -8.47 35.59
N THR A 296 -13.51 -8.68 36.23
CA THR A 296 -13.73 -9.79 37.15
C THR A 296 -14.81 -10.75 36.55
N THR A 297 -15.69 -11.34 37.40
CA THR A 297 -16.74 -12.28 36.98
C THR A 297 -18.14 -11.62 37.03
N TYR A 298 -18.76 -11.51 35.84
CA TYR A 298 -20.07 -10.95 35.40
C TYR A 298 -20.08 -11.27 33.92
N GLN A 299 -21.23 -11.50 33.32
CA GLN A 299 -21.20 -11.81 31.90
C GLN A 299 -22.16 -10.89 31.11
N PRO A 300 -21.98 -10.64 29.78
CA PRO A 300 -22.93 -9.77 29.06
C PRO A 300 -24.33 -10.37 28.98
N LEU A 301 -25.34 -9.54 29.22
CA LEU A 301 -26.74 -9.93 29.16
C LEU A 301 -27.26 -9.57 27.77
N SER A 302 -26.53 -9.96 26.71
CA SER A 302 -26.95 -9.67 25.34
C SER A 302 -28.24 -10.43 24.91
N GLY A 303 -28.94 -11.06 25.84
CA GLY A 303 -30.20 -11.76 25.60
C GLY A 303 -31.23 -11.47 26.67
N LYS A 304 -31.23 -10.21 27.18
CA LYS A 304 -32.11 -9.70 28.22
C LYS A 304 -33.26 -8.88 27.61
N THR A 305 -33.62 -9.18 26.34
CA THR A 305 -34.72 -8.56 25.60
C THR A 305 -36.06 -8.73 26.33
N SER A 306 -36.31 -9.92 26.91
CA SER A 306 -37.55 -10.21 27.62
C SER A 306 -37.52 -9.72 29.10
N TYR A 307 -36.39 -9.15 29.58
CA TYR A 307 -36.32 -8.66 30.97
C TYR A 307 -36.26 -7.15 31.04
N PHE A 308 -35.51 -6.49 30.12
CA PHE A 308 -35.38 -5.04 30.06
C PHE A 308 -36.66 -4.41 29.48
N HIS A 309 -37.23 -4.99 28.38
CA HIS A 309 -38.47 -4.54 27.76
C HIS A 309 -39.66 -4.79 28.69
N LEU A 310 -39.54 -5.78 29.60
CA LEU A 310 -40.56 -6.12 30.59
C LEU A 310 -40.77 -4.93 31.51
N LEU A 311 -39.73 -4.52 32.27
CA LEU A 311 -39.80 -3.43 33.24
C LEU A 311 -39.95 -2.02 32.62
N THR A 312 -39.39 -1.76 31.43
CA THR A 312 -39.47 -0.43 30.80
C THR A 312 -40.83 -0.09 30.22
N TRP A 313 -41.60 -1.11 29.80
CA TRP A 313 -42.91 -0.86 29.22
C TRP A 313 -44.04 -1.13 30.23
N SER A 314 -43.76 -1.88 31.31
CA SER A 314 -44.74 -2.23 32.33
C SER A 314 -44.92 -1.16 33.40
N LEU A 315 -43.83 -0.68 34.03
CA LEU A 315 -43.88 0.32 35.09
C LEU A 315 -44.59 1.63 34.65
N PRO A 316 -44.34 2.23 33.44
CA PRO A 316 -45.10 3.41 33.06
C PRO A 316 -46.57 3.10 32.82
N PHE A 317 -46.86 1.87 32.31
CA PHE A 317 -48.22 1.40 32.06
C PHE A 317 -49.04 1.35 33.35
N VAL A 318 -48.47 0.77 34.43
CA VAL A 318 -49.11 0.66 35.74
C VAL A 318 -49.44 2.07 36.27
N LEU A 319 -48.48 3.02 36.14
CA LEU A 319 -48.62 4.40 36.59
C LEU A 319 -49.67 5.17 35.80
N THR A 320 -49.65 5.06 34.44
CA THR A 320 -50.59 5.77 33.55
C THR A 320 -52.02 5.31 33.86
N VAL A 321 -52.22 3.98 34.00
CA VAL A 321 -53.50 3.33 34.31
C VAL A 321 -54.02 3.84 35.69
N ALA A 322 -53.12 3.89 36.71
CA ALA A 322 -53.41 4.38 38.06
C ALA A 322 -53.89 5.86 38.07
N ILE A 323 -53.36 6.74 37.19
CA ILE A 323 -53.74 8.15 37.13
C ILE A 323 -55.14 8.26 36.56
N LEU A 324 -55.45 7.50 35.48
CA LEU A 324 -56.77 7.47 34.84
C LEU A 324 -57.82 6.94 35.83
N ALA A 325 -57.39 6.04 36.76
CA ALA A 325 -58.22 5.44 37.82
C ALA A 325 -58.61 6.49 38.88
N VAL A 326 -57.61 7.27 39.40
CA VAL A 326 -57.87 8.33 40.39
C VAL A 326 -58.40 9.60 39.70
N ALA A 327 -58.43 9.60 38.35
CA ALA A 327 -58.90 10.65 37.44
C ALA A 327 -58.37 12.05 37.83
N GLN A 328 -57.03 12.19 37.76
CA GLN A 328 -56.38 13.45 38.11
C GLN A 328 -55.67 14.09 36.90
N VAL A 329 -56.17 13.79 35.69
CA VAL A 329 -55.65 14.35 34.44
C VAL A 329 -56.27 15.74 34.24
N ASP A 330 -55.47 16.78 34.40
CA ASP A 330 -55.92 18.15 34.25
C ASP A 330 -55.25 18.80 33.04
N GLY A 331 -56.02 19.59 32.29
CA GLY A 331 -55.53 20.32 31.13
C GLY A 331 -55.05 21.72 31.51
N ASP A 332 -54.16 22.32 30.70
CA ASP A 332 -53.61 23.66 30.96
C ASP A 332 -53.24 24.35 29.66
N SER A 333 -53.65 25.61 29.51
CA SER A 333 -53.45 26.39 28.30
C SER A 333 -52.01 26.85 28.08
N VAL A 334 -51.30 27.29 29.15
CA VAL A 334 -49.91 27.79 29.05
C VAL A 334 -48.96 26.66 28.59
N SER A 335 -49.05 25.46 29.21
CA SER A 335 -48.22 24.31 28.82
C SER A 335 -48.77 23.61 27.56
N GLY A 336 -50.06 23.83 27.25
CA GLY A 336 -50.73 23.29 26.07
C GLY A 336 -50.94 21.78 26.08
N ILE A 337 -50.73 21.13 27.24
CA ILE A 337 -50.90 19.68 27.36
C ILE A 337 -51.72 19.34 28.61
N CYS A 338 -52.27 18.12 28.65
CA CYS A 338 -52.99 17.55 29.77
C CYS A 338 -51.99 16.73 30.59
N PHE A 339 -51.93 16.99 31.89
CA PHE A 339 -50.97 16.32 32.76
C PHE A 339 -51.59 15.91 34.11
N VAL A 340 -50.85 15.10 34.86
CA VAL A 340 -51.25 14.61 36.17
C VAL A 340 -50.88 15.66 37.25
N GLY A 341 -51.89 16.05 38.02
CA GLY A 341 -51.73 16.96 39.15
C GLY A 341 -51.60 18.45 38.91
N TYR A 342 -52.31 18.99 37.91
CA TYR A 342 -52.31 20.44 37.67
C TYR A 342 -53.25 21.10 38.71
N LYS A 343 -54.45 20.48 38.94
CA LYS A 343 -55.44 20.96 39.89
C LYS A 343 -54.97 20.66 41.31
N ASN A 344 -54.61 19.40 41.59
CA ASN A 344 -54.12 18.99 42.92
C ASN A 344 -52.65 18.60 42.83
N TYR A 345 -51.76 19.46 43.39
CA TYR A 345 -50.30 19.34 43.41
C TYR A 345 -49.80 17.97 43.94
N ARG A 346 -50.51 17.39 44.92
CA ARG A 346 -50.17 16.10 45.56
C ARG A 346 -50.02 14.96 44.54
N TYR A 347 -50.88 14.91 43.51
CA TYR A 347 -50.85 13.87 42.49
C TYR A 347 -49.65 14.02 41.54
N ARG A 348 -49.25 15.26 41.20
CA ARG A 348 -48.06 15.55 40.39
C ARG A 348 -46.82 15.09 41.15
N ALA A 349 -46.81 15.31 42.49
CA ALA A 349 -45.71 14.92 43.38
C ALA A 349 -45.57 13.39 43.47
N GLY A 350 -46.70 12.71 43.63
CA GLY A 350 -46.74 11.27 43.75
C GLY A 350 -46.41 10.51 42.48
N PHE A 351 -46.98 10.93 41.35
CA PHE A 351 -46.80 10.26 40.06
C PHE A 351 -45.62 10.79 39.19
N VAL A 352 -45.07 11.97 39.51
CA VAL A 352 -43.98 12.50 38.69
C VAL A 352 -42.71 12.66 39.54
N LEU A 353 -42.75 13.44 40.63
CA LEU A 353 -41.60 13.72 41.49
C LEU A 353 -41.03 12.44 42.18
N ALA A 354 -41.88 11.59 42.76
CA ALA A 354 -41.44 10.35 43.42
C ALA A 354 -40.80 9.36 42.42
N PRO A 355 -41.40 8.96 41.27
CA PRO A 355 -40.69 8.06 40.34
C PRO A 355 -39.36 8.65 39.82
N ILE A 356 -39.30 9.97 39.53
CA ILE A 356 -38.07 10.61 39.02
C ILE A 356 -36.98 10.58 40.12
N GLY A 357 -37.38 10.67 41.38
CA GLY A 357 -36.47 10.59 42.51
C GLY A 357 -35.91 9.19 42.68
N LEU A 358 -36.77 8.20 42.43
CA LEU A 358 -36.44 6.78 42.50
C LEU A 358 -35.48 6.40 41.35
N VAL A 359 -35.66 6.97 40.14
CA VAL A 359 -34.78 6.67 39.00
C VAL A 359 -33.40 7.35 39.24
N LEU A 360 -33.36 8.49 39.95
CA LEU A 360 -32.10 9.19 40.24
C LEU A 360 -31.29 8.45 41.29
N ILE A 361 -31.95 7.80 42.26
CA ILE A 361 -31.22 7.08 43.31
C ILE A 361 -30.74 5.72 42.75
N VAL A 362 -31.60 4.99 41.99
CA VAL A 362 -31.24 3.68 41.42
C VAL A 362 -30.24 3.91 40.26
N GLY A 363 -30.50 4.87 39.38
CA GLY A 363 -29.63 5.20 38.26
C GLY A 363 -28.30 5.77 38.70
N GLY A 364 -28.32 6.58 39.75
CA GLY A 364 -27.13 7.20 40.33
C GLY A 364 -26.21 6.18 40.94
N TYR A 365 -26.79 5.16 41.59
CA TYR A 365 -26.07 4.05 42.22
C TYR A 365 -25.21 3.33 41.19
N PHE A 366 -25.79 3.00 40.02
CA PHE A 366 -25.10 2.30 38.94
C PHE A 366 -23.97 3.15 38.33
N LEU A 367 -24.17 4.48 38.25
CA LEU A 367 -23.13 5.38 37.72
C LEU A 367 -21.95 5.46 38.69
N ILE A 368 -22.23 5.42 40.01
CA ILE A 368 -21.22 5.44 41.07
C ILE A 368 -20.47 4.10 41.05
N ARG A 369 -21.19 2.97 40.95
CA ARG A 369 -20.61 1.63 40.92
C ARG A 369 -19.67 1.42 39.73
N GLY A 370 -20.09 1.79 38.52
CA GLY A 370 -19.29 1.69 37.30
C GLY A 370 -18.03 2.53 37.34
N VAL A 371 -18.11 3.75 37.94
CA VAL A 371 -16.98 4.66 38.09
C VAL A 371 -15.93 4.04 39.05
N MET A 372 -16.41 3.39 40.13
CA MET A 372 -15.60 2.68 41.13
C MET A 372 -14.92 1.48 40.49
N THR A 373 -15.59 0.83 39.52
CA THR A 373 -15.06 -0.30 38.77
C THR A 373 -14.03 0.20 37.79
N LEU A 374 -14.32 1.35 37.10
CA LEU A 374 -13.39 1.99 36.15
C LEU A 374 -12.08 2.35 36.87
N PHE A 375 -12.19 2.95 38.08
CA PHE A 375 -11.06 3.37 38.89
C PHE A 375 -10.24 2.20 39.44
N SER A 376 -10.88 1.08 39.82
CA SER A 376 -10.17 -0.11 40.32
C SER A 376 -9.38 -0.82 39.22
N ILE A 377 -9.90 -0.84 37.97
CA ILE A 377 -9.25 -1.43 36.80
C ILE A 377 -7.96 -0.64 36.49
N LYS A 378 -8.02 0.70 36.47
CA LYS A 378 -6.88 1.59 36.21
C LYS A 378 -5.70 1.34 37.18
N SER A 379 -6.00 1.00 38.46
CA SER A 379 -5.00 0.71 39.50
C SER A 379 -4.33 -0.64 39.27
N ASN A 380 -4.98 -1.53 38.50
CA ASN A 380 -4.48 -2.88 38.18
C ASN A 380 -3.73 -2.87 36.84
N HIS A 381 -3.73 -1.70 36.17
CA HIS A 381 -3.07 -1.49 34.89
C HIS A 381 -2.20 -0.19 34.94
N ALA A 382 -1.50 -0.01 36.08
CA ALA A 382 -0.66 1.16 36.36
C ALA A 382 0.88 0.85 36.52
N LYS A 383 1.38 -0.31 36.06
CA LYS A 383 2.82 -0.64 36.09
C LYS A 383 3.49 -0.27 34.73
N ALA A 384 4.56 0.55 34.76
CA ALA A 384 5.28 1.00 33.57
C ALA A 384 6.79 0.86 33.68
N LEU A 385 7.44 0.32 32.65
CA LEU A 385 8.88 0.17 32.53
C LEU A 385 9.44 1.20 31.48
N ILE A 386 10.48 1.96 31.85
CA ILE A 386 11.11 2.90 30.94
C ILE A 386 12.58 2.49 30.78
N VAL A 387 12.95 1.96 29.59
CA VAL A 387 14.34 1.57 29.30
C VAL A 387 14.92 2.61 28.35
N TYR A 388 16.06 3.23 28.73
CA TYR A 388 16.69 4.28 27.91
C TYR A 388 18.14 3.97 27.55
N GLY A 389 18.54 4.44 26.39
CA GLY A 389 19.88 4.37 25.83
C GLY A 389 20.39 5.79 25.63
N SER A 390 21.30 6.25 26.52
CA SER A 390 21.80 7.62 26.50
C SER A 390 23.30 7.71 26.75
N THR A 391 24.01 8.43 25.86
CA THR A 391 25.46 8.66 25.91
C THR A 391 25.76 9.98 26.61
N THR A 392 25.07 11.06 26.23
CA THR A 392 25.28 12.41 26.73
C THR A 392 24.23 12.79 27.81
N GLY A 393 23.29 11.88 28.10
CA GLY A 393 22.26 12.09 29.11
C GLY A 393 21.00 12.81 28.69
N ASN A 394 20.82 13.07 27.38
CA ASN A 394 19.63 13.78 26.87
C ASN A 394 18.40 12.88 26.92
N THR A 395 18.55 11.60 26.50
CA THR A 395 17.48 10.60 26.54
C THR A 395 17.24 10.20 28.02
N GLU A 396 18.31 10.13 28.87
CA GLU A 396 18.24 9.86 30.31
C GLU A 396 17.36 10.92 30.98
N TYR A 397 17.55 12.18 30.62
CA TYR A 397 16.75 13.29 31.14
C TYR A 397 15.28 13.17 30.68
N THR A 398 15.06 12.85 29.39
CA THR A 398 13.71 12.70 28.82
C THR A 398 12.98 11.55 29.54
N ALA A 399 13.69 10.43 29.76
CA ALA A 399 13.18 9.25 30.44
C ALA A 399 12.71 9.61 31.83
N GLU A 400 13.54 10.40 32.57
CA GLU A 400 13.24 10.88 33.91
C GLU A 400 12.03 11.82 33.92
N THR A 401 11.93 12.71 32.91
CA THR A 401 10.82 13.66 32.76
C THR A 401 9.54 12.88 32.51
N ILE A 402 9.60 11.80 31.68
CA ILE A 402 8.44 10.94 31.37
C ILE A 402 8.01 10.19 32.65
N ALA A 403 9.01 9.65 33.39
CA ALA A 403 8.79 8.92 34.63
C ALA A 403 7.99 9.74 35.66
N ARG A 404 8.31 11.04 35.85
CA ARG A 404 7.56 11.83 36.83
C ARG A 404 6.12 12.11 36.35
N GLU A 405 5.89 12.32 35.03
CA GLU A 405 4.54 12.59 34.51
C GLU A 405 3.63 11.36 34.69
N LEU A 406 4.17 10.16 34.53
CA LEU A 406 3.39 8.92 34.71
C LEU A 406 3.10 8.70 36.19
N ALA A 407 4.13 8.90 37.05
CA ALA A 407 4.06 8.76 38.50
C ALA A 407 3.05 9.72 39.12
N ASP A 408 3.03 10.99 38.61
CA ASP A 408 2.09 12.05 39.03
C ASP A 408 0.66 11.67 38.70
N ALA A 409 0.48 10.83 37.67
CA ALA A 409 -0.81 10.37 37.17
C ALA A 409 -1.25 9.04 37.81
N GLY A 410 -0.40 8.47 38.66
CA GLY A 410 -0.72 7.23 39.37
C GLY A 410 -0.09 5.94 38.89
N TYR A 411 0.99 6.05 38.12
CA TYR A 411 1.69 4.87 37.64
C TYR A 411 2.81 4.52 38.58
N GLU A 412 3.21 3.25 38.57
CA GLU A 412 4.33 2.74 39.32
C GLU A 412 5.42 2.55 38.28
N VAL A 413 6.30 3.57 38.18
CA VAL A 413 7.34 3.62 37.15
C VAL A 413 8.62 2.96 37.62
N ASP A 414 9.22 2.20 36.72
CA ASP A 414 10.50 1.54 36.86
C ASP A 414 11.38 2.03 35.68
N SER A 415 12.27 3.01 35.96
CA SER A 415 13.18 3.57 34.97
C SER A 415 14.54 2.86 35.03
N ARG A 416 14.96 2.30 33.91
CA ARG A 416 16.19 1.55 33.80
C ARG A 416 17.06 1.98 32.59
N ASP A 417 18.38 1.90 32.79
CA ASP A 417 19.38 2.15 31.78
C ASP A 417 19.57 0.86 31.02
N ALA A 418 19.62 0.92 29.69
CA ALA A 418 19.79 -0.25 28.81
C ALA A 418 21.12 -1.00 29.09
N ALA A 419 22.14 -0.27 29.59
CA ALA A 419 23.47 -0.80 29.93
C ALA A 419 23.39 -1.82 31.05
N SER A 420 22.38 -1.68 31.95
CA SER A 420 22.18 -2.55 33.10
C SER A 420 20.89 -3.39 33.03
N VAL A 421 20.54 -3.92 31.84
CA VAL A 421 19.33 -4.75 31.72
C VAL A 421 19.61 -6.02 30.91
N GLU A 422 18.85 -7.09 31.22
CA GLU A 422 18.89 -8.37 30.53
C GLU A 422 17.59 -8.50 29.74
N ALA A 423 17.70 -8.73 28.43
CA ALA A 423 16.55 -8.78 27.53
C ALA A 423 15.52 -9.86 27.84
N GLY A 424 15.94 -11.09 28.15
CA GLY A 424 15.01 -12.20 28.42
C GLY A 424 13.95 -11.92 29.47
N GLY A 425 12.68 -11.91 29.04
CA GLY A 425 11.53 -11.64 29.87
C GLY A 425 11.57 -10.27 30.55
N LEU A 426 12.11 -9.25 29.86
CA LEU A 426 12.26 -7.92 30.44
C LEU A 426 10.93 -7.20 30.65
N PHE A 427 10.02 -7.33 29.68
CA PHE A 427 8.75 -6.62 29.66
C PHE A 427 7.64 -7.31 30.49
N GLU A 428 7.88 -8.55 30.95
CA GLU A 428 6.94 -9.35 31.74
C GLU A 428 6.60 -8.65 33.06
N GLY A 429 5.30 -8.45 33.29
CA GLY A 429 4.78 -7.79 34.48
C GLY A 429 4.50 -6.31 34.38
N PHE A 430 4.63 -5.71 33.16
CA PHE A 430 4.35 -4.30 32.92
C PHE A 430 3.19 -4.10 31.96
N ASP A 431 2.37 -3.09 32.25
CA ASP A 431 1.20 -2.76 31.43
C ASP A 431 1.62 -1.93 30.22
N LEU A 432 2.54 -0.99 30.47
CA LEU A 432 3.13 -0.06 29.51
C LEU A 432 4.66 -0.13 29.56
N VAL A 433 5.29 -0.23 28.38
CA VAL A 433 6.74 -0.25 28.25
C VAL A 433 7.14 0.91 27.33
N LEU A 434 8.01 1.81 27.80
CA LEU A 434 8.48 2.93 27.00
C LEU A 434 9.98 2.79 26.74
N LEU A 435 10.37 2.56 25.48
CA LEU A 435 11.77 2.42 25.05
C LEU A 435 12.32 3.74 24.47
N GLY A 436 13.42 4.20 25.03
CA GLY A 436 14.08 5.45 24.65
C GLY A 436 15.49 5.24 24.17
N CYS A 437 15.88 5.91 23.07
CA CYS A 437 17.18 5.75 22.47
C CYS A 437 17.56 6.91 21.56
N SER A 438 18.79 7.37 21.69
CA SER A 438 19.32 8.44 20.86
C SER A 438 19.92 7.84 19.58
N THR A 439 20.02 8.65 18.50
CA THR A 439 20.57 8.20 17.23
C THR A 439 22.00 8.69 17.07
N TRP A 440 22.86 7.79 16.65
CA TRP A 440 24.28 8.02 16.43
C TRP A 440 24.68 7.48 15.05
N GLY A 441 25.97 7.54 14.75
CA GLY A 441 26.48 7.13 13.45
C GLY A 441 26.42 8.29 12.48
N ASP A 442 27.58 8.57 11.84
CA ASP A 442 27.75 9.66 10.87
C ASP A 442 27.18 9.29 9.49
N ASP A 443 27.72 8.23 8.86
CA ASP A 443 27.29 7.75 7.54
C ASP A 443 25.85 7.21 7.54
N SER A 444 25.42 6.59 8.66
CA SER A 444 24.12 5.91 8.76
C SER A 444 23.40 6.10 10.11
N ILE A 445 22.39 5.24 10.35
CA ILE A 445 21.59 5.12 11.57
C ILE A 445 22.26 4.07 12.49
N GLU A 446 22.79 4.53 13.61
CA GLU A 446 23.42 3.65 14.56
C GLU A 446 22.80 3.93 15.90
N LEU A 447 22.20 2.91 16.54
CA LEU A 447 21.57 3.04 17.86
C LEU A 447 22.63 3.35 18.94
N GLN A 448 22.20 3.99 20.04
CA GLN A 448 23.07 4.28 21.17
C GLN A 448 23.62 2.95 21.69
N ASP A 449 24.94 2.90 21.85
CA ASP A 449 25.79 1.75 22.22
C ASP A 449 25.21 0.80 23.31
N ASP A 450 24.55 1.36 24.35
CA ASP A 450 23.96 0.56 25.43
C ASP A 450 22.66 -0.14 25.03
N PHE A 451 21.93 0.40 24.03
CA PHE A 451 20.66 -0.17 23.54
C PHE A 451 20.85 -1.32 22.53
N ILE A 452 22.02 -1.39 21.87
CA ILE A 452 22.33 -2.42 20.87
C ILE A 452 22.08 -3.85 21.42
N PRO A 453 22.59 -4.26 22.64
CA PRO A 453 22.33 -5.63 23.10
C PRO A 453 20.84 -5.91 23.26
N LEU A 454 20.08 -4.93 23.75
CA LEU A 454 18.64 -5.04 23.96
C LEU A 454 17.89 -5.16 22.63
N PHE A 455 18.22 -4.28 21.67
CA PHE A 455 17.61 -4.23 20.34
C PHE A 455 17.80 -5.56 19.61
N ASP A 456 19.02 -6.11 19.69
CA ASP A 456 19.40 -7.34 19.01
C ASP A 456 18.66 -8.54 19.55
N SER A 457 18.28 -8.50 20.84
CA SER A 457 17.59 -9.58 21.52
C SER A 457 16.18 -9.13 22.00
N LEU A 458 15.54 -8.26 21.22
CA LEU A 458 14.21 -7.71 21.50
C LEU A 458 13.10 -8.75 21.37
N GLU A 459 13.39 -9.89 20.69
CA GLU A 459 12.49 -11.04 20.50
C GLU A 459 12.22 -11.74 21.81
N GLU A 460 13.21 -11.72 22.72
CA GLU A 460 13.18 -12.37 24.03
C GLU A 460 12.65 -11.49 25.16
N THR A 461 12.15 -10.27 24.87
CA THR A 461 11.68 -9.35 25.91
C THR A 461 10.22 -9.61 26.37
N GLY A 462 9.41 -10.12 25.46
CA GLY A 462 7.99 -10.38 25.69
C GLY A 462 7.17 -9.18 25.25
N ALA A 463 7.48 -8.69 24.04
CA ALA A 463 6.83 -7.52 23.44
C ALA A 463 5.50 -7.89 22.75
N GLN A 464 5.29 -9.16 22.39
CA GLN A 464 4.08 -9.67 21.74
C GLN A 464 2.82 -9.23 22.52
N GLY A 465 2.02 -8.38 21.90
CA GLY A 465 0.80 -7.86 22.49
C GLY A 465 0.97 -6.80 23.57
N ARG A 466 2.23 -6.45 23.90
CA ARG A 466 2.57 -5.46 24.92
C ARG A 466 2.32 -4.07 24.42
N LYS A 467 1.73 -3.22 25.27
CA LYS A 467 1.47 -1.80 24.95
C LYS A 467 2.79 -1.02 25.10
N VAL A 468 3.33 -0.53 23.96
CA VAL A 468 4.62 0.16 23.93
C VAL A 468 4.54 1.47 23.17
N ALA A 469 5.50 2.33 23.47
CA ALA A 469 5.69 3.61 22.80
C ALA A 469 7.18 3.92 22.85
N CYS A 470 7.69 4.64 21.81
CA CYS A 470 9.12 4.98 21.76
C CYS A 470 9.40 6.46 21.89
N PHE A 471 10.61 6.78 22.31
CA PHE A 471 11.05 8.16 22.44
C PHE A 471 12.56 8.21 22.19
N GLY A 472 13.09 9.40 22.04
CA GLY A 472 14.51 9.55 21.79
C GLY A 472 14.89 10.95 21.37
N CYS A 473 16.17 11.26 21.55
CA CYS A 473 16.75 12.54 21.22
C CYS A 473 17.61 12.41 20.00
N GLY A 474 17.57 13.44 19.19
CA GLY A 474 18.38 13.52 17.99
C GLY A 474 18.69 14.95 17.67
N ASP A 475 19.22 15.17 16.46
CA ASP A 475 19.57 16.48 15.94
C ASP A 475 19.17 16.55 14.50
N SER A 476 18.44 17.62 14.13
CA SER A 476 18.01 17.85 12.74
C SER A 476 19.23 18.14 11.85
N SER A 477 20.35 18.65 12.45
CA SER A 477 21.63 18.99 11.81
C SER A 477 22.38 17.74 11.37
N TRP A 478 21.68 16.58 11.42
CA TRP A 478 22.18 15.26 11.02
C TRP A 478 21.20 14.58 10.09
N GLU A 479 21.75 13.77 9.18
CA GLU A 479 20.90 13.01 8.26
C GLU A 479 20.29 11.88 9.11
N TYR A 480 18.98 11.61 8.88
CA TYR A 480 18.12 10.63 9.57
C TYR A 480 17.89 11.03 11.06
N PHE A 481 17.00 12.00 11.22
CA PHE A 481 16.60 12.53 12.51
C PHE A 481 15.78 11.49 13.30
N CYS A 482 16.35 11.08 14.45
CA CYS A 482 15.81 10.10 15.40
C CYS A 482 15.56 8.74 14.73
N GLY A 483 16.56 8.29 13.98
CA GLY A 483 16.57 7.02 13.27
C GLY A 483 16.42 5.83 14.19
N ALA A 484 16.96 5.92 15.44
CA ALA A 484 16.87 4.90 16.49
C ALA A 484 15.39 4.65 16.83
N VAL A 485 14.61 5.75 17.00
CA VAL A 485 13.17 5.69 17.31
C VAL A 485 12.42 4.88 16.19
N ASP A 486 12.74 5.18 14.91
CA ASP A 486 12.23 4.52 13.71
C ASP A 486 12.57 3.02 13.72
N ALA A 487 13.85 2.71 13.95
CA ALA A 487 14.35 1.34 13.98
C ALA A 487 13.69 0.50 15.11
N ILE A 488 13.50 1.13 16.30
CA ILE A 488 12.95 0.42 17.44
C ILE A 488 11.46 0.15 17.19
N GLU A 489 10.73 1.18 16.74
CA GLU A 489 9.30 1.11 16.40
C GLU A 489 9.02 0.01 15.34
N GLU A 490 9.93 -0.15 14.36
CA GLU A 490 9.83 -1.13 13.27
C GLU A 490 9.93 -2.55 13.81
N LYS A 491 10.97 -2.79 14.68
CA LYS A 491 11.21 -4.13 15.26
C LYS A 491 10.07 -4.51 16.19
N LEU A 492 9.61 -3.55 17.01
CA LEU A 492 8.50 -3.78 17.93
C LEU A 492 7.22 -4.10 17.16
N LYS A 493 6.96 -3.44 16.02
CA LYS A 493 5.78 -3.68 15.17
C LYS A 493 5.84 -5.07 14.52
N ASN A 494 7.06 -5.47 14.13
CA ASN A 494 7.31 -6.77 13.52
C ASN A 494 7.15 -7.91 14.53
N LEU A 495 7.41 -7.64 15.85
CA LEU A 495 7.33 -8.64 16.92
C LEU A 495 5.88 -8.87 17.41
N GLY A 496 4.99 -7.93 17.09
CA GLY A 496 3.58 -7.98 17.44
C GLY A 496 3.13 -7.03 18.52
N ALA A 497 4.01 -6.11 18.96
CA ALA A 497 3.71 -5.15 20.02
C ALA A 497 2.64 -4.14 19.57
N GLU A 498 1.95 -3.52 20.55
CA GLU A 498 0.92 -2.54 20.29
C GLU A 498 1.46 -1.14 20.51
N ILE A 499 1.83 -0.45 19.41
CA ILE A 499 2.37 0.91 19.48
C ILE A 499 1.22 1.87 19.79
N VAL A 500 1.25 2.37 21.03
CA VAL A 500 0.27 3.25 21.68
C VAL A 500 0.24 4.63 21.02
N GLN A 501 1.42 5.25 20.81
CA GLN A 501 1.55 6.56 20.18
C GLN A 501 2.80 6.66 19.31
N ASP A 502 2.76 7.59 18.35
CA ASP A 502 3.89 7.91 17.47
C ASP A 502 5.01 8.46 18.34
N GLY A 503 6.21 7.91 18.15
CA GLY A 503 7.40 8.24 18.94
C GLY A 503 7.69 9.72 19.15
N LEU A 504 8.12 10.06 20.37
CA LEU A 504 8.50 11.43 20.72
C LEU A 504 9.90 11.65 20.23
N ARG A 505 10.07 12.48 19.19
CA ARG A 505 11.37 12.75 18.59
C ARG A 505 11.81 14.17 18.96
N ILE A 506 12.78 14.28 19.89
CA ILE A 506 13.28 15.57 20.37
C ILE A 506 14.43 16.08 19.50
N ASP A 507 14.29 17.33 19.04
CA ASP A 507 15.30 18.04 18.28
C ASP A 507 16.07 18.92 19.25
N GLY A 508 17.33 18.60 19.46
CA GLY A 508 18.18 19.37 20.34
C GLY A 508 18.04 19.11 21.80
N ASP A 509 18.29 20.15 22.58
CA ASP A 509 18.25 20.10 24.02
C ASP A 509 16.85 19.82 24.50
N PRO A 510 16.71 18.69 25.21
CA PRO A 510 15.39 18.30 25.74
C PRO A 510 14.89 19.15 26.89
N ARG A 511 15.78 19.91 27.55
CA ARG A 511 15.36 20.77 28.65
C ARG A 511 14.43 21.89 28.17
N ALA A 512 14.62 22.33 26.92
CA ALA A 512 13.81 23.36 26.30
C ALA A 512 12.52 22.81 25.72
N ALA A 513 12.44 21.48 25.58
CA ALA A 513 11.24 20.81 25.09
C ALA A 513 10.59 20.07 26.23
N ARG A 514 10.66 20.64 27.44
CA ARG A 514 10.12 20.04 28.65
C ARG A 514 8.62 19.75 28.56
N ASP A 515 7.80 20.75 28.16
CA ASP A 515 6.34 20.61 28.07
C ASP A 515 5.90 19.73 26.90
N ASP A 516 6.78 19.51 25.92
CA ASP A 516 6.52 18.62 24.80
C ASP A 516 6.58 17.17 25.32
N ILE A 517 7.59 16.89 26.18
CA ILE A 517 7.80 15.59 26.83
C ILE A 517 6.63 15.31 27.77
N VAL A 518 6.25 16.33 28.59
CA VAL A 518 5.15 16.27 29.55
C VAL A 518 3.85 16.02 28.79
N GLY A 519 3.67 16.74 27.67
CA GLY A 519 2.52 16.62 26.79
C GLY A 519 2.40 15.27 26.13
N TRP A 520 3.54 14.71 25.63
CA TRP A 520 3.58 13.39 24.98
C TRP A 520 3.21 12.30 25.98
N ALA A 521 3.78 12.35 27.21
CA ALA A 521 3.51 11.38 28.27
C ALA A 521 2.06 11.45 28.75
N HIS A 522 1.43 12.65 28.66
CA HIS A 522 0.01 12.87 28.98
C HIS A 522 -0.85 12.16 27.94
N ASP A 523 -0.55 12.39 26.65
CA ASP A 523 -1.26 11.81 25.52
C ASP A 523 -1.08 10.31 25.45
N VAL A 524 0.11 9.81 25.87
CA VAL A 524 0.45 8.38 25.85
C VAL A 524 -0.42 7.61 26.87
N ARG A 525 -0.79 8.24 28.00
CA ARG A 525 -1.67 7.64 29.00
C ARG A 525 -3.10 7.74 28.54
N GLY A 526 -3.37 8.79 27.76
CA GLY A 526 -4.67 9.08 27.19
C GLY A 526 -5.10 8.07 26.14
N ALA A 527 -4.10 7.44 25.47
CA ALA A 527 -4.32 6.43 24.43
C ALA A 527 -4.52 5.05 25.06
N ILE A 528 -4.34 4.93 26.39
CA ILE A 528 -4.58 3.69 27.14
C ILE A 528 -6.11 3.60 27.31
N LYS A 529 -6.74 2.89 26.36
CA LYS A 529 -8.19 2.70 26.25
C LYS A 529 -8.72 1.72 27.29
N ILE A 530 -9.79 2.13 27.98
CA ILE A 530 -10.50 1.33 28.97
C ILE A 530 -11.92 1.13 28.42
N ASN A 531 -12.00 0.45 27.24
CA ASN A 531 -13.19 0.16 26.43
C ASN A 531 -13.77 1.46 25.87
N GLU A 532 -13.37 1.81 24.64
CA GLU A 532 -13.81 3.01 23.92
C GLU A 532 -15.32 2.92 23.60
N THR A 533 -15.79 1.72 23.24
CA THR A 533 -17.18 1.37 22.92
C THR A 533 -18.13 1.56 24.15
N MET A 534 -17.58 1.38 25.36
CA MET A 534 -18.29 1.51 26.63
C MET A 534 -18.07 2.88 27.30
N LEU A 535 -16.98 3.60 26.97
CA LEU A 535 -16.69 4.92 27.52
C LEU A 535 -17.79 5.93 27.12
N ARG A 536 -18.28 5.87 25.85
CA ARG A 536 -19.36 6.69 25.28
C ARG A 536 -20.65 6.43 26.08
N LEU A 537 -20.93 5.17 26.41
CA LEU A 537 -22.09 4.73 27.20
C LEU A 537 -22.12 5.36 28.59
N GLY A 538 -20.93 5.62 29.15
CA GLY A 538 -20.74 6.25 30.45
C GLY A 538 -20.92 7.75 30.42
N ILE A 539 -20.45 8.42 29.33
CA ILE A 539 -20.60 9.88 29.16
C ILE A 539 -22.09 10.18 29.01
N PHE A 540 -22.80 9.38 28.19
CA PHE A 540 -24.23 9.51 27.93
C PHE A 540 -25.07 9.23 29.17
N GLY A 541 -24.58 8.33 30.03
CA GLY A 541 -25.22 8.00 31.30
C GLY A 541 -25.16 9.18 32.24
N PHE A 542 -23.96 9.76 32.41
CA PHE A 542 -23.74 10.92 33.26
C PHE A 542 -24.40 12.18 32.71
N LEU A 543 -24.47 12.28 31.37
CA LEU A 543 -25.12 13.38 30.67
C LEU A 543 -26.63 13.36 30.93
N ALA A 544 -27.26 12.18 30.75
CA ALA A 544 -28.69 11.98 31.00
C ALA A 544 -29.04 12.25 32.45
N PHE A 545 -28.21 11.76 33.41
CA PHE A 545 -28.39 11.98 34.84
C PHE A 545 -28.49 13.47 35.17
N GLY A 546 -27.60 14.26 34.57
CA GLY A 546 -27.52 15.70 34.77
C GLY A 546 -28.81 16.40 34.47
N PHE A 547 -29.37 16.09 33.28
CA PHE A 547 -30.63 16.62 32.78
C PHE A 547 -31.84 16.14 33.62
N VAL A 548 -31.86 14.85 34.04
CA VAL A 548 -32.93 14.28 34.85
C VAL A 548 -32.89 14.97 36.23
N LEU A 549 -31.68 15.28 36.76
CA LEU A 549 -31.51 15.96 38.05
C LEU A 549 -32.10 17.37 38.04
N ILE A 550 -31.98 18.09 36.90
CA ILE A 550 -32.54 19.44 36.78
C ILE A 550 -34.08 19.35 36.71
N THR A 551 -34.63 18.35 35.97
CA THR A 551 -36.08 18.08 35.82
C THR A 551 -36.69 17.85 37.20
N PHE A 552 -36.02 17.04 38.04
CA PHE A 552 -36.44 16.73 39.41
C PHE A 552 -36.48 17.97 40.28
N SER A 553 -35.44 18.82 40.19
CA SER A 553 -35.33 20.06 40.96
C SER A 553 -36.53 20.98 40.70
N CYS A 554 -36.88 21.18 39.40
CA CYS A 554 -38.01 22.00 38.93
C CYS A 554 -39.34 21.42 39.41
N HIS A 555 -39.51 20.10 39.40
CA HIS A 555 -40.73 19.45 39.89
C HIS A 555 -40.83 19.58 41.41
N PHE A 556 -39.68 19.64 42.10
CA PHE A 556 -39.62 19.82 43.56
C PHE A 556 -40.02 21.26 43.95
N TYR A 557 -39.60 22.27 43.14
CA TYR A 557 -39.94 23.67 43.36
C TYR A 557 -41.44 23.84 43.33
N ASP A 558 -42.08 23.31 42.25
CA ASP A 558 -43.53 23.35 42.06
C ASP A 558 -44.28 22.61 43.16
N PHE A 559 -43.75 21.48 43.63
CA PHE A 559 -44.38 20.70 44.70
C PHE A 559 -44.34 21.46 46.02
N PHE A 560 -43.17 22.03 46.36
CA PHE A 560 -42.91 22.78 47.59
C PHE A 560 -43.64 24.14 47.62
N ASN A 561 -44.17 24.62 46.48
CA ASN A 561 -44.81 25.93 46.41
C ASN A 561 -46.28 25.95 45.93
N GLN A 562 -46.75 24.95 45.14
CA GLN A 562 -48.12 24.93 44.57
C GLN A 562 -49.24 25.02 45.62
N ALA A 563 -49.00 24.58 46.88
CA ALA A 563 -49.98 24.69 47.97
C ALA A 563 -50.37 26.16 48.20
N GLU A 564 -49.39 27.09 48.09
CA GLU A 564 -49.59 28.54 48.21
C GLU A 564 -50.21 29.11 46.93
N TRP A 565 -49.82 28.58 45.76
CA TRP A 565 -50.32 29.01 44.44
C TRP A 565 -51.79 28.65 44.25
N GLU A 566 -52.22 27.47 44.75
CA GLU A 566 -53.60 26.99 44.68
C GLU A 566 -54.53 27.88 45.51
N ARG A 567 -54.02 28.32 46.69
CA ARG A 567 -54.69 29.24 47.62
C ARG A 567 -54.91 30.57 46.90
N SER A 568 -53.84 31.09 46.27
CA SER A 568 -53.84 32.35 45.53
C SER A 568 -54.75 32.28 44.29
N PHE A 569 -54.90 31.07 43.69
CA PHE A 569 -55.75 30.83 42.52
C PHE A 569 -57.20 30.96 42.96
N ARG A 570 -57.55 30.33 44.12
CA ARG A 570 -58.88 30.34 44.72
C ARG A 570 -59.26 31.75 45.16
N ASP A 571 -58.38 32.43 45.92
CA ASP A 571 -58.57 33.78 46.44
C ASP A 571 -58.79 34.79 45.33
N TYR A 572 -58.09 34.68 44.19
CA TYR A 572 -58.22 35.60 43.05
C TYR A 572 -59.53 35.37 42.30
N VAL A 573 -59.80 34.14 41.83
CA VAL A 573 -61.01 33.80 41.05
C VAL A 573 -62.30 34.12 41.85
N LEU A 574 -62.37 33.75 43.15
CA LEU A 574 -63.55 33.99 43.98
C LEU A 574 -63.76 35.48 44.26
N CYS A 575 -62.67 36.27 44.39
CA CYS A 575 -62.76 37.71 44.62
C CYS A 575 -63.19 38.41 43.33
N GLN A 576 -62.69 37.93 42.17
CA GLN A 576 -63.02 38.49 40.86
C GLN A 576 -64.44 38.16 40.43
N ALA A 577 -65.05 37.14 41.05
CA ALA A 577 -66.41 36.73 40.72
C ALA A 577 -67.42 37.82 41.05
N ASN A 578 -67.01 38.85 41.82
CA ASN A 578 -67.76 40.03 42.25
C ASN A 578 -69.09 39.72 42.94
N VAL A 579 -69.19 38.61 43.65
CA VAL A 579 -70.44 38.32 44.35
C VAL A 579 -70.27 38.84 45.77
N THR A 580 -70.13 40.18 45.90
CA THR A 580 -70.01 40.84 47.19
C THR A 580 -71.42 41.20 47.57
N ILE A 581 -72.11 40.27 48.24
CA ILE A 581 -73.49 40.45 48.68
C ILE A 581 -73.57 41.45 49.83
N GLY A 582 -72.62 41.41 50.75
CA GLY A 582 -72.58 42.22 51.96
C GLY A 582 -72.51 43.74 51.86
N LEU A 583 -71.58 44.29 51.06
CA LEU A 583 -71.46 45.75 51.01
C LEU A 583 -70.79 46.27 49.73
N PRO A 584 -71.07 47.57 49.41
CA PRO A 584 -70.43 48.22 48.25
C PRO A 584 -69.08 48.85 48.63
N THR A 585 -68.05 48.62 47.80
CA THR A 585 -66.68 49.08 48.04
C THR A 585 -66.53 50.60 48.04
N LYS A 586 -65.52 51.08 48.79
CA LYS A 586 -65.16 52.49 48.94
C LYS A 586 -64.90 53.12 47.58
N GLN A 587 -64.20 52.38 46.69
CA GLN A 587 -63.93 52.82 45.34
C GLN A 587 -64.41 51.77 44.36
N PRO A 588 -64.77 52.20 43.13
CA PRO A 588 -65.19 51.26 42.10
C PRO A 588 -64.12 50.24 41.85
N ILE A 589 -62.90 50.60 42.27
CA ILE A 589 -61.68 49.83 42.15
C ILE A 589 -61.96 48.30 42.20
N PRO A 590 -61.32 47.50 41.31
CA PRO A 590 -61.58 46.03 41.31
C PRO A 590 -61.14 45.29 42.59
N ASP A 591 -60.05 45.75 43.24
CA ASP A 591 -59.40 45.24 44.45
C ASP A 591 -59.07 43.73 44.36
N CYS A 592 -58.55 43.28 43.20
CA CYS A 592 -58.16 41.89 43.05
C CYS A 592 -56.79 41.74 42.38
N GLU A 593 -55.94 40.92 43.04
CA GLU A 593 -54.56 40.66 42.70
C GLU A 593 -54.19 39.21 42.98
N ILE A 594 -53.16 38.71 42.28
CA ILE A 594 -52.58 37.39 42.49
C ILE A 594 -51.39 37.63 43.42
N LYS A 595 -51.49 37.18 44.69
CA LYS A 595 -50.42 37.38 45.69
C LYS A 595 -49.12 36.65 45.30
N ASN A 596 -49.24 35.44 44.69
CA ASN A 596 -48.13 34.60 44.21
C ASN A 596 -48.66 33.58 43.20
N ARG A 597 -47.91 33.36 42.12
CA ARG A 597 -48.30 32.42 41.05
C ARG A 597 -47.10 31.52 40.63
N PRO A 598 -47.30 30.42 39.85
CA PRO A 598 -46.15 29.58 39.47
C PRO A 598 -45.11 30.31 38.62
N SER A 599 -43.82 29.94 38.78
CA SER A 599 -42.68 30.52 38.05
C SER A 599 -42.55 29.89 36.67
N LEU A 600 -42.74 30.68 35.61
CA LEU A 600 -42.66 30.21 34.21
C LEU A 600 -41.23 29.95 33.79
N LEU A 601 -40.26 30.61 34.47
CA LEU A 601 -38.81 30.42 34.27
C LEU A 601 -38.44 29.00 34.64
N VAL A 602 -38.88 28.56 35.86
CA VAL A 602 -38.66 27.21 36.40
C VAL A 602 -39.21 26.16 35.39
N GLU A 603 -40.39 26.45 34.78
CA GLU A 603 -40.99 25.58 33.78
C GLU A 603 -40.14 25.54 32.50
N LYS A 604 -39.53 26.68 32.13
CA LYS A 604 -38.67 26.75 30.95
C LYS A 604 -37.36 25.98 31.19
N ILE A 605 -36.83 26.04 32.43
CA ILE A 605 -35.65 25.30 32.85
C ILE A 605 -36.00 23.81 32.84
N ASN A 606 -37.24 23.46 33.26
CA ASN A 606 -37.75 22.09 33.29
C ASN A 606 -37.82 21.52 31.86
N LEU A 607 -38.43 22.25 30.91
CA LEU A 607 -38.56 21.82 29.53
C LEU A 607 -37.19 21.72 28.83
N PHE A 608 -36.26 22.67 29.08
CA PHE A 608 -34.91 22.67 28.53
C PHE A 608 -34.18 21.40 28.95
N ALA A 609 -34.28 21.04 30.24
CA ALA A 609 -33.65 19.85 30.79
C ALA A 609 -34.33 18.57 30.24
N MET A 610 -35.67 18.58 30.08
CA MET A 610 -36.44 17.45 29.57
C MET A 610 -36.12 17.23 28.09
N PHE A 611 -36.48 18.18 27.21
CA PHE A 611 -36.21 18.13 25.76
C PHE A 611 -34.71 18.00 25.44
N GLY A 612 -33.87 18.60 26.29
CA GLY A 612 -32.41 18.58 26.20
C GLY A 612 -31.83 17.19 26.34
N THR A 613 -32.49 16.31 27.11
CA THR A 613 -32.08 14.92 27.25
C THR A 613 -32.26 14.22 25.90
N GLY A 614 -33.40 14.45 25.25
CA GLY A 614 -33.71 13.91 23.93
C GLY A 614 -32.72 14.31 22.85
N ILE A 615 -32.33 15.61 22.86
CA ILE A 615 -31.35 16.18 21.93
C ILE A 615 -29.97 15.62 22.28
N ALA A 616 -29.66 15.48 23.59
CA ALA A 616 -28.36 14.94 24.03
C ALA A 616 -28.21 13.44 23.67
N MET A 617 -29.26 12.64 23.86
CA MET A 617 -29.23 11.20 23.58
C MET A 617 -29.24 10.92 22.08
N SER A 618 -29.70 11.87 21.24
CA SER A 618 -29.73 11.69 19.79
C SER A 618 -28.32 11.83 19.19
N THR A 619 -27.38 12.46 19.93
CA THR A 619 -26.00 12.66 19.48
C THR A 619 -25.19 11.35 19.57
N TRP A 620 -25.81 10.24 20.03
CA TRP A 620 -25.18 8.91 20.10
C TRP A 620 -24.84 8.41 18.69
N VAL A 621 -25.59 8.87 17.71
CA VAL A 621 -25.40 8.46 16.33
C VAL A 621 -24.67 9.59 15.53
N TRP A 622 -23.96 10.50 16.23
CA TRP A 622 -23.24 11.59 15.55
C TRP A 622 -21.75 11.24 15.45
N THR A 623 -21.49 10.16 14.68
CA THR A 623 -20.17 9.63 14.40
C THR A 623 -19.99 9.42 12.88
N LYS A 624 -18.73 9.14 12.46
CA LYS A 624 -18.34 8.89 11.07
C LYS A 624 -19.08 7.69 10.49
N ALA A 625 -19.35 6.66 11.32
CA ALA A 625 -20.04 5.43 10.97
C ALA A 625 -21.42 5.68 10.39
N THR A 626 -22.12 6.73 10.87
CA THR A 626 -23.48 7.09 10.46
C THR A 626 -23.49 7.58 9.00
N LEU A 627 -22.46 8.39 8.60
CA LEU A 627 -22.30 8.90 7.23
C LEU A 627 -22.20 7.73 6.27
N LEU A 628 -21.48 6.69 6.70
CA LEU A 628 -21.26 5.45 5.99
C LEU A 628 -22.54 4.63 5.88
N ILE A 629 -23.39 4.67 6.94
CA ILE A 629 -24.68 3.96 7.01
C ILE A 629 -25.59 4.47 5.89
N TRP A 630 -25.76 5.81 5.77
CA TRP A 630 -26.63 6.38 4.75
C TRP A 630 -25.98 6.35 3.38
N ARG A 631 -24.65 6.18 3.31
CA ARG A 631 -23.95 6.06 2.04
C ARG A 631 -24.35 4.73 1.40
N ARG A 632 -24.33 3.63 2.18
CA ARG A 632 -24.72 2.30 1.74
C ARG A 632 -26.18 2.29 1.31
N THR A 633 -27.02 3.01 2.07
CA THR A 633 -28.44 3.07 1.81
C THR A 633 -28.68 3.74 0.47
N TRP A 634 -28.10 4.92 0.24
CA TRP A 634 -28.27 5.62 -1.03
C TRP A 634 -27.72 4.79 -2.13
N CYS A 635 -26.48 4.32 -1.93
CA CYS A 635 -25.74 3.54 -2.91
C CYS A 635 -26.54 2.35 -3.30
N ARG A 636 -26.99 1.57 -2.30
CA ARG A 636 -27.73 0.34 -2.57
C ARG A 636 -29.14 0.59 -3.03
N LEU A 637 -29.72 1.77 -2.76
CA LEU A 637 -31.03 2.07 -3.30
C LEU A 637 -30.87 2.23 -4.79
N THR A 638 -29.82 2.94 -5.20
CA THR A 638 -29.49 3.10 -6.61
C THR A 638 -29.11 1.74 -7.19
N PRO B 7 97.26 -35.72 -76.68
CA PRO B 7 98.09 -36.45 -75.70
C PRO B 7 97.81 -35.99 -74.27
N PRO B 8 97.96 -36.86 -73.23
CA PRO B 8 97.68 -36.40 -71.85
C PRO B 8 98.76 -35.45 -71.31
N LEU B 9 98.32 -34.40 -70.60
CA LEU B 9 99.20 -33.39 -69.98
C LEU B 9 99.99 -33.99 -68.82
N SER B 10 101.21 -33.46 -68.60
CA SER B 10 102.10 -33.90 -67.51
C SER B 10 101.57 -33.47 -66.13
N HIS B 11 100.88 -32.32 -66.07
CA HIS B 11 100.33 -31.76 -64.82
C HIS B 11 98.93 -32.33 -64.49
N CYS B 12 98.30 -33.05 -65.44
CA CYS B 12 96.99 -33.70 -65.26
C CYS B 12 97.15 -35.19 -64.84
N GLY B 13 98.38 -35.58 -64.51
CA GLY B 13 98.74 -36.93 -64.07
C GLY B 13 99.87 -36.95 -63.08
N ARG B 14 99.89 -37.97 -62.20
CA ARG B 14 100.92 -38.15 -61.17
C ARG B 14 101.54 -39.54 -61.24
N ALA B 15 102.85 -39.65 -60.91
CA ALA B 15 103.59 -40.90 -60.91
C ALA B 15 103.22 -41.75 -59.67
N ALA B 16 102.64 -42.95 -59.91
CA ALA B 16 102.21 -43.87 -58.85
C ALA B 16 102.24 -45.34 -59.34
N PRO B 17 102.60 -46.32 -58.47
CA PRO B 17 102.62 -47.72 -58.93
C PRO B 17 101.21 -48.29 -59.13
N CYS B 18 100.91 -48.72 -60.37
CA CYS B 18 99.61 -49.25 -60.75
C CYS B 18 99.38 -50.67 -60.20
N GLU B 19 98.20 -50.87 -59.59
CA GLU B 19 97.77 -52.16 -59.04
C GLU B 19 96.42 -52.61 -59.68
N PRO B 20 96.22 -53.91 -60.00
CA PRO B 20 94.96 -54.33 -60.65
C PRO B 20 93.73 -54.16 -59.77
N LEU B 21 92.60 -53.76 -60.38
CA LEU B 21 91.32 -53.52 -59.70
C LEU B 21 90.72 -54.80 -59.13
N ARG B 22 90.57 -54.83 -57.79
CA ARG B 22 89.98 -55.95 -57.05
C ARG B 22 88.45 -55.91 -57.17
N TYR B 23 87.90 -54.70 -57.41
CA TYR B 23 86.47 -54.43 -57.57
C TYR B 23 86.25 -53.83 -58.94
N ASN B 24 85.41 -54.47 -59.77
CA ASN B 24 85.14 -54.02 -61.13
C ASN B 24 84.01 -52.97 -61.20
N VAL B 25 83.43 -52.59 -60.04
CA VAL B 25 82.32 -51.64 -59.94
C VAL B 25 82.63 -50.52 -58.89
N CYS B 26 82.27 -49.26 -59.25
CA CYS B 26 82.43 -48.07 -58.40
C CYS B 26 81.07 -47.39 -58.22
N LEU B 27 80.47 -47.58 -57.02
CA LEU B 27 79.18 -47.03 -56.57
C LEU B 27 78.02 -47.41 -57.54
N GLY B 28 78.03 -48.67 -58.01
CA GLY B 28 77.00 -49.18 -58.91
C GLY B 28 77.30 -49.08 -60.40
N SER B 29 78.41 -48.39 -60.78
CA SER B 29 78.80 -48.21 -62.18
C SER B 29 80.08 -48.97 -62.53
N VAL B 30 80.11 -49.62 -63.71
CA VAL B 30 81.24 -50.40 -64.20
C VAL B 30 82.39 -49.43 -64.65
N LEU B 31 83.64 -49.87 -64.47
CA LEU B 31 84.82 -49.07 -64.82
C LEU B 31 85.45 -49.54 -66.14
N PRO B 32 85.82 -48.60 -67.05
CA PRO B 32 86.41 -49.01 -68.34
C PRO B 32 87.86 -49.50 -68.24
N TYR B 33 88.58 -49.15 -67.16
CA TYR B 33 89.98 -49.50 -66.92
C TYR B 33 90.12 -50.71 -65.96
N GLY B 34 91.35 -51.27 -65.90
CA GLY B 34 91.66 -52.44 -65.09
C GLY B 34 92.64 -52.22 -63.95
N ALA B 35 93.36 -51.09 -63.95
CA ALA B 35 94.34 -50.77 -62.91
C ALA B 35 94.00 -49.46 -62.18
N THR B 36 94.26 -49.42 -60.86
CA THR B 36 93.96 -48.27 -60.00
C THR B 36 95.16 -47.89 -59.08
N SER B 37 94.98 -46.83 -58.26
CA SER B 37 95.97 -46.32 -57.30
C SER B 37 95.29 -45.79 -56.04
N THR B 38 95.91 -45.97 -54.87
CA THR B 38 95.38 -45.51 -53.56
C THR B 38 96.14 -44.23 -53.09
N LEU B 39 96.81 -43.54 -54.03
CA LEU B 39 97.57 -42.32 -53.79
C LEU B 39 96.69 -41.07 -53.62
N LEU B 40 95.63 -40.93 -54.47
CA LEU B 40 94.72 -39.78 -54.45
C LEU B 40 93.90 -39.71 -53.15
N ALA B 41 93.53 -40.88 -52.58
CA ALA B 41 92.80 -40.96 -51.32
C ALA B 41 93.81 -41.02 -50.16
N GLY B 42 93.84 -39.95 -49.37
CA GLY B 42 94.75 -39.81 -48.24
C GLY B 42 94.40 -40.66 -47.04
N ASP B 43 93.11 -40.99 -46.87
CA ASP B 43 92.61 -41.80 -45.76
C ASP B 43 92.77 -43.30 -46.00
N SER B 44 92.87 -43.70 -47.29
CA SER B 44 93.01 -45.11 -47.68
C SER B 44 94.41 -45.46 -48.21
N ASP B 45 94.91 -46.63 -47.76
CA ASP B 45 96.20 -47.19 -48.15
C ASP B 45 96.01 -48.37 -49.11
N SER B 46 94.93 -49.16 -48.91
CA SER B 46 94.60 -50.33 -49.71
C SER B 46 93.27 -50.18 -50.45
N GLN B 47 93.00 -51.06 -51.44
CA GLN B 47 91.77 -51.10 -52.23
C GLN B 47 90.56 -51.51 -51.38
N GLU B 48 90.80 -52.35 -50.36
CA GLU B 48 89.78 -52.80 -49.40
C GLU B 48 89.36 -51.64 -48.52
N GLU B 49 90.32 -50.74 -48.18
CA GLU B 49 90.08 -49.55 -47.36
C GLU B 49 89.32 -48.47 -48.16
N ALA B 50 89.72 -48.23 -49.44
CA ALA B 50 89.06 -47.26 -50.33
C ALA B 50 87.60 -47.66 -50.56
N HIS B 51 87.33 -48.97 -50.73
CA HIS B 51 85.99 -49.52 -50.90
C HIS B 51 85.19 -49.33 -49.62
N GLY B 52 85.84 -49.50 -48.47
CA GLY B 52 85.23 -49.32 -47.16
C GLY B 52 84.80 -47.89 -46.89
N LYS B 53 85.59 -46.91 -47.39
CA LYS B 53 85.32 -45.48 -47.24
C LYS B 53 84.18 -45.05 -48.16
N LEU B 54 84.04 -45.71 -49.33
CA LEU B 54 82.98 -45.41 -50.29
C LEU B 54 81.61 -45.80 -49.72
N VAL B 55 81.55 -46.85 -48.88
CA VAL B 55 80.34 -47.34 -48.23
C VAL B 55 79.87 -46.30 -47.19
N LEU B 56 80.80 -45.63 -46.51
CA LEU B 56 80.48 -44.58 -45.54
C LEU B 56 80.02 -43.32 -46.27
N TRP B 57 80.67 -43.00 -47.40
CA TRP B 57 80.38 -41.87 -48.30
C TRP B 57 79.06 -42.07 -49.05
N SER B 58 78.60 -43.33 -49.23
CA SER B 58 77.35 -43.65 -49.93
C SER B 58 76.12 -43.34 -49.04
N GLY B 59 76.36 -42.90 -47.81
CA GLY B 59 75.32 -42.48 -46.87
C GLY B 59 74.72 -41.13 -47.27
N LEU B 60 75.36 -40.47 -48.27
CA LEU B 60 74.96 -39.20 -48.87
C LEU B 60 73.99 -39.44 -50.05
N ARG B 61 73.39 -40.67 -50.15
CA ARG B 61 72.36 -41.01 -51.14
C ARG B 61 71.15 -40.14 -50.90
N ASN B 62 70.86 -39.92 -49.63
CA ASN B 62 69.86 -38.96 -49.22
C ASN B 62 70.46 -37.59 -49.61
N ALA B 63 69.68 -36.56 -49.79
CA ALA B 63 70.19 -35.26 -50.30
C ALA B 63 70.89 -35.47 -51.66
N PRO B 64 70.06 -35.92 -52.61
CA PRO B 64 70.51 -36.26 -53.97
C PRO B 64 71.07 -35.14 -54.81
N ARG B 65 70.77 -33.89 -54.49
CA ARG B 65 71.34 -32.80 -55.25
C ARG B 65 72.82 -32.84 -55.10
N CYS B 66 73.24 -33.47 -54.00
CA CYS B 66 74.63 -33.65 -53.63
C CYS B 66 75.13 -35.00 -54.16
N TRP B 67 74.30 -36.06 -54.05
CA TRP B 67 74.63 -37.42 -54.48
C TRP B 67 74.99 -37.51 -55.97
N ALA B 68 74.28 -36.78 -56.85
CA ALA B 68 74.52 -36.76 -58.30
C ALA B 68 75.89 -36.18 -58.67
N VAL B 69 76.35 -35.14 -57.94
CA VAL B 69 77.64 -34.49 -58.20
C VAL B 69 78.79 -35.15 -57.41
N ILE B 70 78.53 -35.72 -56.21
CA ILE B 70 79.58 -36.33 -55.38
C ILE B 70 79.96 -37.72 -55.91
N GLN B 71 79.06 -38.43 -56.64
CA GLN B 71 79.32 -39.76 -57.18
C GLN B 71 80.56 -39.79 -58.12
N PRO B 72 80.68 -38.96 -59.20
CA PRO B 72 81.87 -39.04 -60.04
C PRO B 72 83.15 -38.62 -59.33
N LEU B 73 83.09 -37.62 -58.44
CA LEU B 73 84.26 -37.14 -57.69
C LEU B 73 84.80 -38.21 -56.75
N LEU B 74 83.93 -38.98 -56.08
CA LEU B 74 84.35 -40.05 -55.17
C LEU B 74 84.98 -41.21 -55.93
N CYS B 75 84.52 -41.47 -57.16
CA CYS B 75 85.06 -42.54 -58.00
C CYS B 75 86.41 -42.10 -58.58
N ALA B 76 86.57 -40.79 -58.92
CA ALA B 76 87.80 -40.23 -59.50
C ALA B 76 88.94 -40.09 -58.47
N VAL B 77 88.65 -40.22 -57.16
CA VAL B 77 89.65 -40.10 -56.09
C VAL B 77 89.96 -41.48 -55.50
N TYR B 78 88.92 -42.24 -55.07
CA TYR B 78 89.10 -43.55 -54.44
C TYR B 78 89.44 -44.66 -55.43
N MET B 79 88.85 -44.67 -56.64
CA MET B 79 89.14 -45.68 -57.66
C MET B 79 89.54 -45.02 -59.00
N PRO B 80 90.70 -44.32 -59.09
CA PRO B 80 91.04 -43.64 -60.36
C PRO B 80 91.71 -44.55 -61.39
N LYS B 81 91.92 -44.02 -62.62
CA LYS B 81 92.55 -44.73 -63.71
C LYS B 81 94.06 -44.68 -63.58
N CYS B 82 94.70 -45.86 -63.62
CA CYS B 82 96.16 -46.01 -63.57
C CYS B 82 96.62 -46.74 -64.83
N GLU B 83 97.50 -46.11 -65.62
CA GLU B 83 98.01 -46.71 -66.86
C GLU B 83 99.45 -46.30 -67.09
N ASN B 84 100.35 -47.32 -67.16
CA ASN B 84 101.80 -47.22 -67.38
C ASN B 84 102.48 -46.38 -66.27
N ASP B 85 102.24 -46.78 -64.98
CA ASP B 85 102.77 -46.16 -63.75
C ASP B 85 102.44 -44.64 -63.65
N ARG B 86 101.21 -44.27 -64.06
CA ARG B 86 100.70 -42.90 -64.04
C ARG B 86 99.21 -42.92 -63.71
N VAL B 87 98.81 -42.17 -62.67
CA VAL B 87 97.42 -42.08 -62.23
C VAL B 87 96.80 -40.74 -62.69
N GLU B 88 95.56 -40.81 -63.24
CA GLU B 88 94.82 -39.65 -63.73
C GLU B 88 94.24 -38.81 -62.58
N LEU B 89 94.56 -37.50 -62.57
CA LEU B 89 94.10 -36.54 -61.57
C LEU B 89 92.69 -36.01 -61.91
N PRO B 90 91.81 -35.80 -60.91
CA PRO B 90 90.48 -35.27 -61.22
C PRO B 90 90.53 -33.74 -61.46
N SER B 91 89.80 -33.25 -62.48
CA SER B 91 89.79 -31.83 -62.83
C SER B 91 89.16 -30.93 -61.75
N ARG B 92 89.50 -29.62 -61.78
CA ARG B 92 89.03 -28.59 -60.85
C ARG B 92 87.49 -28.40 -60.95
N THR B 93 86.94 -28.51 -62.17
CA THR B 93 85.51 -28.37 -62.47
C THR B 93 84.67 -29.48 -61.79
N LEU B 94 85.21 -30.71 -61.71
CA LEU B 94 84.58 -31.87 -61.07
C LEU B 94 84.53 -31.68 -59.54
N CYS B 95 85.55 -31.00 -58.96
CA CYS B 95 85.67 -30.72 -57.54
C CYS B 95 84.76 -29.56 -57.16
N GLN B 96 84.78 -28.46 -57.94
CA GLN B 96 84.00 -27.25 -57.69
C GLN B 96 82.49 -27.50 -57.79
N ALA B 97 82.07 -28.50 -58.59
CA ALA B 97 80.67 -28.87 -58.79
C ALA B 97 80.02 -29.45 -57.52
N THR B 98 80.81 -29.98 -56.60
CA THR B 98 80.31 -30.58 -55.35
C THR B 98 80.18 -29.56 -54.24
N ARG B 99 81.11 -28.60 -54.14
CA ARG B 99 81.21 -27.55 -53.10
C ARG B 99 79.85 -26.97 -52.64
N GLY B 100 79.05 -26.53 -53.62
CA GLY B 100 77.73 -25.96 -53.41
C GLY B 100 76.75 -26.97 -52.86
N PRO B 101 76.26 -27.91 -53.69
CA PRO B 101 75.26 -28.89 -53.22
C PRO B 101 75.68 -29.81 -52.07
N CYS B 102 76.97 -30.05 -51.88
CA CYS B 102 77.43 -30.89 -50.78
C CYS B 102 77.98 -30.00 -49.66
N ALA B 103 77.17 -29.00 -49.26
CA ALA B 103 77.48 -28.09 -48.17
C ALA B 103 77.44 -28.84 -46.84
N ILE B 104 76.53 -29.86 -46.73
CA ILE B 104 76.34 -30.74 -45.57
C ILE B 104 77.65 -31.31 -45.04
N VAL B 105 78.57 -31.68 -45.99
CA VAL B 105 79.90 -32.23 -45.72
C VAL B 105 80.69 -31.22 -44.88
N GLU B 106 80.89 -29.98 -45.40
CA GLU B 106 81.63 -28.90 -44.72
C GLU B 106 80.92 -28.41 -43.45
N ARG B 107 79.59 -28.58 -43.35
CA ARG B 107 78.86 -28.14 -42.16
C ARG B 107 79.00 -29.15 -41.04
N GLU B 108 78.93 -30.45 -41.36
CA GLU B 108 79.00 -31.51 -40.35
C GLU B 108 80.43 -32.02 -40.07
N ARG B 109 81.08 -32.71 -41.02
CA ARG B 109 82.41 -33.32 -40.86
C ARG B 109 83.56 -32.38 -41.27
N GLY B 110 83.43 -31.73 -42.44
CA GLY B 110 84.43 -30.84 -43.01
C GLY B 110 85.19 -31.56 -44.10
N TRP B 111 85.42 -30.88 -45.25
CA TRP B 111 86.12 -31.48 -46.39
C TRP B 111 87.54 -31.92 -46.03
N PRO B 112 87.93 -33.18 -46.33
CA PRO B 112 89.30 -33.61 -46.01
C PRO B 112 90.33 -32.96 -46.93
N ASP B 113 91.60 -32.99 -46.52
CA ASP B 113 92.75 -32.40 -47.21
C ASP B 113 92.81 -32.77 -48.71
N PHE B 114 92.57 -34.04 -49.05
CA PHE B 114 92.64 -34.57 -50.42
C PHE B 114 91.38 -34.29 -51.25
N LEU B 115 90.26 -33.88 -50.61
CA LEU B 115 89.03 -33.61 -51.34
C LEU B 115 88.74 -32.10 -51.50
N ARG B 116 89.61 -31.23 -50.92
CA ARG B 116 89.50 -29.77 -51.08
C ARG B 116 90.07 -29.38 -52.44
N CYS B 117 89.42 -28.44 -53.14
CA CYS B 117 89.82 -28.02 -54.48
C CYS B 117 91.10 -27.15 -54.49
N THR B 118 92.25 -27.82 -54.42
CA THR B 118 93.59 -27.23 -54.48
C THR B 118 94.03 -27.38 -55.93
N PRO B 119 94.68 -26.38 -56.59
CA PRO B 119 95.11 -26.58 -58.00
C PRO B 119 96.15 -27.70 -58.15
N ASP B 120 96.86 -28.02 -57.05
CA ASP B 120 97.86 -29.07 -56.92
C ASP B 120 97.19 -30.45 -57.00
N ARG B 121 96.09 -30.66 -56.25
CA ARG B 121 95.34 -31.92 -56.17
C ARG B 121 94.30 -32.05 -57.28
N PHE B 122 93.72 -30.90 -57.71
CA PHE B 122 92.69 -30.80 -58.75
C PHE B 122 93.11 -29.74 -59.80
N PRO B 123 93.80 -30.16 -60.89
CA PRO B 123 94.26 -29.17 -61.89
C PRO B 123 93.17 -28.79 -62.89
N GLU B 124 93.33 -27.62 -63.52
CA GLU B 124 92.38 -27.08 -64.49
C GLU B 124 92.56 -27.66 -65.88
N GLY B 125 91.44 -28.06 -66.49
CA GLY B 125 91.39 -28.59 -67.85
C GLY B 125 92.03 -29.96 -68.01
N CYS B 126 91.53 -30.96 -67.26
CA CYS B 126 92.02 -32.34 -67.33
C CYS B 126 90.88 -33.27 -67.73
N THR B 127 91.22 -34.35 -68.44
CA THR B 127 90.23 -35.32 -68.88
C THR B 127 89.82 -36.21 -67.71
N ASN B 128 88.60 -35.97 -67.20
CA ASN B 128 87.97 -36.79 -66.17
C ASN B 128 87.46 -38.01 -66.89
N GLU B 129 88.07 -39.13 -66.66
CA GLU B 129 87.67 -40.39 -67.27
C GLU B 129 86.26 -40.81 -66.78
N VAL B 130 85.83 -40.23 -65.64
CA VAL B 130 84.53 -40.46 -65.00
C VAL B 130 83.41 -39.76 -65.80
N GLN B 131 83.76 -38.80 -66.68
CA GLN B 131 82.85 -38.06 -67.55
C GLN B 131 82.18 -38.99 -68.55
N ASN B 132 82.94 -40.01 -69.03
CA ASN B 132 82.44 -41.02 -69.96
C ASN B 132 81.51 -42.00 -69.21
N ILE B 133 81.83 -42.28 -67.93
CA ILE B 133 81.07 -43.20 -67.05
C ILE B 133 79.72 -42.57 -66.68
N LYS B 134 78.64 -43.33 -66.93
CA LYS B 134 77.27 -42.92 -66.64
C LYS B 134 76.85 -43.45 -65.27
N PHE B 135 76.42 -42.56 -64.37
CA PHE B 135 75.96 -42.90 -63.02
C PHE B 135 74.44 -42.78 -62.98
N ASN B 136 73.75 -43.94 -63.03
CA ASN B 136 72.29 -44.06 -63.08
C ASN B 136 71.60 -43.70 -61.76
N SER B 137 72.34 -43.77 -60.64
CA SER B 137 71.82 -43.45 -59.32
C SER B 137 71.49 -41.97 -59.18
N SER B 138 70.35 -41.68 -58.56
CA SER B 138 69.95 -40.30 -58.39
C SER B 138 69.73 -39.93 -56.91
N GLY B 139 69.80 -40.93 -56.02
CA GLY B 139 69.55 -40.72 -54.60
C GLY B 139 68.08 -40.83 -54.24
N GLN B 140 67.78 -40.64 -52.95
CA GLN B 140 66.41 -40.75 -52.45
C GLN B 140 66.13 -39.74 -51.32
N CYS B 141 64.82 -39.52 -51.01
CA CYS B 141 64.33 -38.67 -49.91
C CYS B 141 63.45 -39.55 -49.03
N MET B 142 63.78 -39.65 -47.73
CA MET B 142 63.05 -40.50 -46.77
C MET B 142 61.65 -39.93 -46.45
N VAL B 143 60.69 -40.80 -46.01
CA VAL B 143 59.26 -40.60 -45.75
C VAL B 143 58.83 -39.14 -45.34
N PRO B 144 59.37 -38.42 -44.29
CA PRO B 144 58.85 -37.05 -44.01
C PRO B 144 59.30 -36.02 -45.04
N LEU B 145 60.28 -36.37 -45.91
CA LEU B 145 60.76 -35.54 -47.01
C LEU B 145 60.26 -36.10 -48.32
N VAL B 146 60.38 -35.31 -49.39
CA VAL B 146 59.93 -35.67 -50.74
C VAL B 146 60.83 -34.96 -51.77
N ARG B 147 61.12 -35.65 -52.90
CA ARG B 147 61.98 -35.11 -53.95
C ARG B 147 61.30 -33.95 -54.65
N THR B 148 61.96 -32.77 -54.59
CA THR B 148 61.51 -31.54 -55.21
C THR B 148 62.65 -30.92 -56.05
N ASP B 149 62.32 -30.49 -57.27
CA ASP B 149 63.32 -29.87 -58.14
C ASP B 149 63.47 -28.40 -57.82
N ASN B 150 62.42 -27.78 -57.28
CA ASN B 150 62.39 -26.37 -56.88
C ASN B 150 63.39 -26.07 -55.73
N PRO B 151 64.34 -25.14 -55.96
CA PRO B 151 65.33 -24.81 -54.91
C PRO B 151 64.74 -24.11 -53.70
N LYS B 152 63.62 -23.41 -53.89
CA LYS B 152 62.95 -22.68 -52.83
C LYS B 152 62.21 -23.62 -51.88
N SER B 153 61.98 -24.88 -52.29
CA SER B 153 61.30 -25.91 -51.51
C SER B 153 62.25 -26.86 -50.74
N TRP B 154 63.59 -26.65 -50.84
CA TRP B 154 64.56 -27.52 -50.17
C TRP B 154 64.62 -27.30 -48.66
N TYR B 155 64.57 -28.39 -47.86
CA TYR B 155 64.57 -28.35 -46.39
C TYR B 155 65.99 -28.30 -45.84
N GLU B 156 66.33 -27.17 -45.19
CA GLU B 156 67.61 -26.88 -44.54
C GLU B 156 68.82 -27.25 -45.42
N ASP B 157 69.75 -28.04 -44.88
CA ASP B 157 70.97 -28.42 -45.56
C ASP B 157 70.73 -29.51 -46.63
N VAL B 158 69.68 -30.36 -46.49
CA VAL B 158 69.34 -31.47 -47.41
C VAL B 158 68.83 -30.91 -48.76
N GLU B 159 69.76 -30.66 -49.69
CA GLU B 159 69.45 -30.15 -51.01
C GLU B 159 68.88 -31.28 -51.88
N GLY B 160 67.81 -30.98 -52.63
CA GLY B 160 67.13 -31.94 -53.50
C GLY B 160 65.84 -32.47 -52.92
N CYS B 161 65.74 -32.47 -51.56
CA CYS B 161 64.56 -32.91 -50.80
C CYS B 161 63.85 -31.73 -50.18
N GLY B 162 62.56 -31.90 -49.95
CA GLY B 162 61.72 -30.88 -49.32
C GLY B 162 60.73 -31.51 -48.36
N ILE B 163 60.34 -30.76 -47.30
CA ILE B 163 59.41 -31.23 -46.27
C ILE B 163 58.01 -31.39 -46.90
N GLN B 164 57.43 -32.61 -46.81
CA GLN B 164 56.14 -32.97 -47.38
C GLN B 164 55.00 -32.06 -46.89
N CYS B 165 53.92 -32.00 -47.69
CA CYS B 165 52.76 -31.16 -47.40
C CYS B 165 52.04 -31.54 -46.10
N GLN B 166 51.64 -32.82 -45.97
CA GLN B 166 50.97 -33.35 -44.78
C GLN B 166 51.90 -33.29 -43.56
N ASN B 167 51.44 -32.66 -42.47
CA ASN B 167 52.21 -32.47 -41.23
C ASN B 167 52.69 -33.81 -40.68
N PRO B 168 54.04 -34.01 -40.61
CA PRO B 168 54.57 -35.31 -40.13
C PRO B 168 54.35 -35.58 -38.63
N LEU B 169 53.98 -34.55 -37.84
CA LEU B 169 53.75 -34.72 -36.41
C LEU B 169 52.37 -35.30 -36.11
N PHE B 170 51.43 -35.23 -37.07
CA PHE B 170 50.05 -35.72 -36.86
C PHE B 170 49.63 -36.76 -37.92
N THR B 171 48.98 -37.83 -37.43
CA THR B 171 48.52 -38.95 -38.25
C THR B 171 47.37 -38.55 -39.16
N GLU B 172 47.07 -39.38 -40.18
CA GLU B 172 45.95 -39.19 -41.12
C GLU B 172 44.62 -39.21 -40.33
N ALA B 173 44.54 -40.08 -39.29
CA ALA B 173 43.40 -40.23 -38.38
C ALA B 173 43.11 -38.93 -37.65
N GLU B 174 44.18 -38.24 -37.20
CA GLU B 174 44.12 -36.97 -36.51
C GLU B 174 43.75 -35.84 -37.48
N HIS B 175 44.18 -35.95 -38.76
CA HIS B 175 43.89 -35.00 -39.83
C HIS B 175 42.41 -35.05 -40.18
N GLN B 176 41.86 -36.27 -40.35
CA GLN B 176 40.44 -36.51 -40.66
C GLN B 176 39.53 -35.99 -39.52
N ASP B 177 39.94 -36.26 -38.26
CA ASP B 177 39.23 -35.85 -37.05
C ASP B 177 39.15 -34.34 -36.91
N MET B 178 40.27 -33.62 -37.15
CA MET B 178 40.33 -32.16 -37.07
C MET B 178 39.53 -31.53 -38.21
N HIS B 179 39.58 -32.13 -39.42
CA HIS B 179 38.86 -31.63 -40.59
C HIS B 179 37.36 -31.73 -40.39
N SER B 180 36.90 -32.81 -39.72
CA SER B 180 35.47 -33.00 -39.40
C SER B 180 35.03 -31.93 -38.39
N TYR B 181 35.90 -31.63 -37.40
CA TYR B 181 35.67 -30.62 -36.35
C TYR B 181 35.54 -29.20 -36.94
N ILE B 182 36.39 -28.84 -37.93
CA ILE B 182 36.36 -27.53 -38.60
C ILE B 182 35.09 -27.45 -39.48
N ALA B 183 34.75 -28.55 -40.19
CA ALA B 183 33.57 -28.62 -41.04
C ALA B 183 32.30 -28.37 -40.25
N ALA B 184 32.16 -29.03 -39.06
CA ALA B 184 30.99 -28.92 -38.20
C ALA B 184 30.79 -27.48 -37.69
N PHE B 185 31.80 -26.92 -36.97
CA PHE B 185 31.75 -25.59 -36.40
C PHE B 185 31.69 -24.51 -37.47
N GLY B 186 32.44 -24.67 -38.55
CA GLY B 186 32.47 -23.72 -39.65
C GLY B 186 31.14 -23.57 -40.36
N ALA B 187 30.48 -24.71 -40.66
CA ALA B 187 29.18 -24.74 -41.34
C ALA B 187 28.07 -24.10 -40.48
N VAL B 188 28.04 -24.42 -39.16
CA VAL B 188 27.07 -23.90 -38.20
C VAL B 188 27.24 -22.37 -38.07
N THR B 189 28.49 -21.90 -37.81
CA THR B 189 28.82 -20.47 -37.67
C THR B 189 28.47 -19.74 -38.98
N GLY B 190 28.81 -20.32 -40.14
CA GLY B 190 28.50 -19.77 -41.45
C GLY B 190 27.01 -19.58 -41.67
N LEU B 191 26.21 -20.62 -41.35
CA LEU B 191 24.75 -20.65 -41.44
C LEU B 191 24.09 -19.65 -40.49
N CYS B 192 24.46 -19.69 -39.19
CA CYS B 192 23.93 -18.83 -38.13
C CYS B 192 24.19 -17.35 -38.42
N THR B 193 25.43 -16.96 -38.77
CA THR B 193 25.77 -15.57 -39.06
C THR B 193 25.07 -15.10 -40.33
N LEU B 194 24.91 -15.99 -41.35
CA LEU B 194 24.23 -15.67 -42.61
C LEU B 194 22.77 -15.27 -42.33
N PHE B 195 22.10 -16.01 -41.41
CA PHE B 195 20.72 -15.75 -40.99
C PHE B 195 20.58 -14.36 -40.34
N THR B 196 21.53 -13.97 -39.46
CA THR B 196 21.59 -12.69 -38.76
C THR B 196 21.87 -11.53 -39.73
N LEU B 197 22.79 -11.74 -40.69
CA LEU B 197 23.12 -10.74 -41.71
C LEU B 197 21.91 -10.50 -42.62
N ALA B 198 21.14 -11.58 -42.89
CA ALA B 198 19.93 -11.55 -43.71
C ALA B 198 18.82 -10.76 -43.01
N THR B 199 18.64 -10.96 -41.69
CA THR B 199 17.62 -10.27 -40.91
C THR B 199 17.92 -8.79 -40.77
N PHE B 200 19.19 -8.40 -40.56
CA PHE B 200 19.55 -7.00 -40.44
C PHE B 200 19.37 -6.30 -41.78
N VAL B 201 19.57 -7.01 -42.92
CA VAL B 201 19.39 -6.45 -44.25
C VAL B 201 17.90 -6.40 -44.61
N ALA B 202 17.12 -7.41 -44.17
CA ALA B 202 15.66 -7.51 -44.37
C ALA B 202 14.91 -6.31 -43.73
N ASP B 203 15.53 -5.67 -42.71
CA ASP B 203 14.97 -4.50 -42.03
C ASP B 203 16.07 -3.45 -41.81
N TRP B 204 16.78 -3.10 -42.88
CA TRP B 204 17.93 -2.22 -42.75
C TRP B 204 17.62 -0.89 -42.07
N ARG B 205 16.54 -0.22 -42.47
CA ARG B 205 16.24 1.08 -41.92
C ARG B 205 16.02 1.08 -40.40
N ASN B 206 15.18 0.17 -39.90
CA ASN B 206 14.86 0.11 -38.47
C ASN B 206 16.04 -0.38 -37.68
N SER B 207 16.74 -1.38 -38.22
CA SER B 207 17.82 -2.01 -37.52
C SER B 207 19.17 -1.30 -37.66
N ASN B 208 19.23 -0.19 -38.40
CA ASN B 208 20.49 0.51 -38.54
C ASN B 208 20.82 1.39 -37.34
N ARG B 209 20.05 1.27 -36.25
CA ARG B 209 20.31 2.06 -35.04
C ARG B 209 21.70 1.75 -34.54
N TYR B 210 22.52 2.77 -34.21
CA TYR B 210 23.93 2.54 -33.93
C TYR B 210 24.27 1.80 -32.64
N PRO B 211 23.53 1.76 -31.51
CA PRO B 211 24.02 0.89 -30.41
C PRO B 211 23.93 -0.60 -30.79
N ALA B 212 22.97 -0.96 -31.66
CA ALA B 212 22.69 -2.33 -32.09
C ALA B 212 23.32 -2.76 -33.43
N VAL B 213 23.66 -1.82 -34.32
CA VAL B 213 24.21 -2.17 -35.65
C VAL B 213 25.67 -2.76 -35.56
N ILE B 214 26.34 -2.61 -34.38
CA ILE B 214 27.68 -3.16 -34.11
C ILE B 214 27.61 -4.69 -34.31
N LEU B 215 26.54 -5.30 -33.84
CA LEU B 215 26.28 -6.73 -33.90
C LEU B 215 26.17 -7.21 -35.34
N PHE B 216 25.74 -6.35 -36.29
CA PHE B 216 25.69 -6.74 -37.71
C PHE B 216 27.12 -6.92 -38.27
N TYR B 217 28.01 -5.95 -37.97
CA TYR B 217 29.41 -5.97 -38.38
C TYR B 217 30.20 -7.05 -37.63
N VAL B 218 29.86 -7.34 -36.35
CA VAL B 218 30.48 -8.42 -35.56
C VAL B 218 30.15 -9.77 -36.26
N ASN B 219 28.91 -9.95 -36.72
CA ASN B 219 28.45 -11.12 -37.45
C ASN B 219 29.05 -11.19 -38.84
N ALA B 220 29.22 -10.03 -39.51
CA ALA B 220 29.82 -9.92 -40.84
C ALA B 220 31.25 -10.51 -40.88
N CYS B 221 32.07 -10.22 -39.85
CA CYS B 221 33.44 -10.71 -39.69
C CYS B 221 33.47 -12.24 -39.53
N PHE B 222 32.63 -12.78 -38.62
CA PHE B 222 32.59 -14.21 -38.37
C PHE B 222 32.02 -14.97 -39.57
N PHE B 223 31.19 -14.32 -40.40
CA PHE B 223 30.66 -14.95 -41.60
C PHE B 223 31.79 -15.12 -42.64
N VAL B 224 32.56 -14.05 -42.89
CA VAL B 224 33.68 -14.02 -43.84
C VAL B 224 34.75 -15.03 -43.37
N GLY B 225 35.08 -15.00 -42.08
CA GLY B 225 36.04 -15.91 -41.45
C GLY B 225 35.68 -17.38 -41.66
N SER B 226 34.39 -17.71 -41.55
CA SER B 226 33.85 -19.05 -41.75
C SER B 226 34.15 -19.56 -43.17
N ILE B 227 34.07 -18.67 -44.18
CA ILE B 227 34.32 -19.00 -45.59
C ILE B 227 35.77 -19.50 -45.77
N GLY B 228 36.72 -18.78 -45.17
CA GLY B 228 38.14 -19.13 -45.21
C GLY B 228 38.47 -20.48 -44.60
N TRP B 229 37.81 -20.81 -43.49
CA TRP B 229 37.99 -22.09 -42.82
C TRP B 229 37.32 -23.23 -43.58
N LEU B 230 36.24 -22.93 -44.31
CA LEU B 230 35.47 -23.94 -45.04
C LEU B 230 35.94 -24.16 -46.48
N ALA B 231 36.76 -23.26 -47.02
CA ALA B 231 37.25 -23.35 -48.41
C ALA B 231 38.00 -24.65 -48.69
N GLN B 232 38.73 -25.19 -47.68
CA GLN B 232 39.52 -26.44 -47.72
C GLN B 232 38.65 -27.67 -48.06
N PHE B 233 37.32 -27.55 -47.93
CA PHE B 233 36.41 -28.66 -48.18
C PHE B 233 35.94 -28.72 -49.62
N MET B 234 36.20 -27.67 -50.41
CA MET B 234 35.93 -27.70 -51.85
C MET B 234 36.80 -28.79 -52.45
N ASP B 235 36.27 -29.57 -53.40
CA ASP B 235 37.01 -30.71 -53.94
C ASP B 235 38.41 -30.36 -54.45
N GLY B 236 39.39 -30.89 -53.71
CA GLY B 236 40.81 -30.72 -53.96
C GLY B 236 41.42 -29.40 -53.53
N ALA B 237 40.62 -28.46 -53.00
CA ALA B 237 41.08 -27.14 -52.62
C ALA B 237 42.17 -27.14 -51.54
N ARG B 238 42.03 -27.99 -50.51
CA ARG B 238 42.99 -28.04 -49.39
C ARG B 238 44.43 -28.13 -49.86
N ARG B 239 44.70 -29.02 -50.84
CA ARG B 239 46.05 -29.22 -51.39
C ARG B 239 46.52 -28.04 -52.24
N GLU B 240 45.60 -27.19 -52.74
CA GLU B 240 45.98 -26.00 -53.49
C GLU B 240 46.33 -24.85 -52.52
N ILE B 241 45.74 -24.89 -51.31
CA ILE B 241 45.93 -23.89 -50.26
C ILE B 241 47.16 -24.22 -49.42
N VAL B 242 47.33 -25.50 -49.05
CA VAL B 242 48.41 -25.93 -48.16
C VAL B 242 49.69 -26.37 -48.89
N CYS B 243 49.58 -27.13 -49.99
CA CYS B 243 50.78 -27.64 -50.69
C CYS B 243 51.21 -26.74 -51.83
N ARG B 244 52.54 -26.66 -52.04
CA ARG B 244 53.15 -25.95 -53.16
C ARG B 244 52.92 -26.78 -54.43
N ALA B 245 53.15 -26.19 -55.63
CA ALA B 245 52.96 -26.85 -56.93
C ALA B 245 53.66 -28.23 -57.03
N ASP B 246 54.89 -28.33 -56.48
CA ASP B 246 55.68 -29.55 -56.46
C ASP B 246 55.09 -30.64 -55.52
N GLY B 247 54.82 -30.30 -54.26
CA GLY B 247 54.24 -31.23 -53.29
C GLY B 247 54.68 -31.04 -51.86
N THR B 248 55.45 -29.97 -51.60
CA THR B 248 55.96 -29.62 -50.27
C THR B 248 55.01 -28.63 -49.59
N MET B 249 55.04 -28.55 -48.24
CA MET B 249 54.18 -27.62 -47.51
C MET B 249 54.58 -26.15 -47.77
N ARG B 250 53.58 -25.26 -47.86
CA ARG B 250 53.81 -23.85 -48.14
C ARG B 250 54.31 -23.15 -46.90
N LEU B 251 55.52 -22.59 -46.98
CA LEU B 251 56.16 -21.88 -45.85
C LEU B 251 56.62 -20.54 -46.34
N GLY B 252 56.34 -19.51 -45.56
CA GLY B 252 56.70 -18.17 -45.95
C GLY B 252 56.20 -17.83 -47.34
N GLU B 253 54.91 -18.15 -47.60
CA GLU B 253 54.10 -17.75 -48.74
C GLU B 253 53.88 -16.26 -48.31
N PRO B 254 54.01 -15.12 -49.04
CA PRO B 254 54.18 -14.86 -50.47
C PRO B 254 55.57 -15.24 -50.98
N THR B 255 55.56 -16.05 -52.05
CA THR B 255 56.72 -16.66 -52.70
C THR B 255 56.49 -16.62 -54.22
N SER B 256 57.56 -16.56 -55.05
CA SER B 256 57.43 -16.50 -56.50
C SER B 256 56.94 -17.84 -57.09
N ASN B 257 56.36 -17.77 -58.33
CA ASN B 257 55.83 -18.87 -59.16
C ASN B 257 54.94 -19.87 -58.38
N GLU B 258 54.08 -19.33 -57.51
CA GLU B 258 53.11 -20.11 -56.73
C GLU B 258 51.76 -19.38 -56.71
N THR B 259 50.65 -20.16 -56.79
CA THR B 259 49.28 -19.68 -56.87
C THR B 259 48.88 -18.82 -55.63
N LEU B 260 47.84 -17.97 -55.77
CA LEU B 260 47.41 -17.07 -54.69
C LEU B 260 46.50 -17.76 -53.67
N SER B 261 46.04 -19.00 -53.96
CA SER B 261 45.16 -19.84 -53.12
C SER B 261 45.50 -19.81 -51.60
N CYS B 262 46.78 -19.68 -51.24
CA CYS B 262 47.24 -19.62 -49.85
C CYS B 262 47.09 -18.22 -49.27
N VAL B 263 47.49 -17.16 -50.01
CA VAL B 263 47.37 -15.78 -49.50
C VAL B 263 45.90 -15.33 -49.43
N ILE B 264 45.06 -15.77 -50.37
CA ILE B 264 43.63 -15.44 -50.41
C ILE B 264 42.98 -15.93 -49.12
N ILE B 265 43.12 -17.23 -48.83
CA ILE B 265 42.57 -17.88 -47.64
C ILE B 265 43.16 -17.27 -46.36
N PHE B 266 44.44 -16.84 -46.39
CA PHE B 266 45.04 -16.22 -45.21
C PHE B 266 44.36 -14.88 -44.91
N VAL B 267 44.21 -14.02 -45.93
CA VAL B 267 43.61 -12.68 -45.80
C VAL B 267 42.19 -12.83 -45.25
N ILE B 268 41.41 -13.76 -45.82
CA ILE B 268 40.03 -14.00 -45.39
C ILE B 268 39.99 -14.39 -43.88
N VAL B 269 40.78 -15.38 -43.47
CA VAL B 269 40.80 -15.87 -42.08
C VAL B 269 41.36 -14.81 -41.09
N TYR B 270 42.57 -14.29 -41.32
CA TYR B 270 43.21 -13.35 -40.39
C TYR B 270 42.51 -12.01 -40.31
N TYR B 271 42.13 -11.40 -41.46
CA TYR B 271 41.48 -10.08 -41.48
C TYR B 271 40.18 -10.13 -40.70
N ALA B 272 39.35 -11.16 -40.93
CA ALA B 272 38.06 -11.35 -40.26
C ALA B 272 38.23 -11.63 -38.77
N LEU B 273 39.31 -12.31 -38.37
CA LEU B 273 39.65 -12.60 -36.99
C LEU B 273 40.03 -11.30 -36.25
N MET B 274 40.82 -10.45 -36.91
CA MET B 274 41.28 -9.20 -36.36
C MET B 274 40.21 -8.12 -36.41
N ALA B 275 39.43 -8.04 -37.51
CA ALA B 275 38.34 -7.05 -37.64
C ALA B 275 37.26 -7.32 -36.58
N GLY B 276 37.00 -8.60 -36.30
CA GLY B 276 36.05 -9.05 -35.30
C GLY B 276 36.45 -8.65 -33.89
N VAL B 277 37.73 -8.84 -33.50
CA VAL B 277 38.20 -8.51 -32.15
C VAL B 277 38.23 -6.98 -31.94
N VAL B 278 38.43 -6.18 -33.01
CA VAL B 278 38.43 -4.70 -32.93
C VAL B 278 36.95 -4.26 -32.77
N TRP B 279 36.01 -4.94 -33.45
CA TRP B 279 34.58 -4.64 -33.33
C TRP B 279 34.06 -5.00 -31.92
N PHE B 280 34.72 -5.95 -31.22
CA PHE B 280 34.37 -6.34 -29.86
C PHE B 280 34.69 -5.15 -28.93
N VAL B 281 35.84 -4.47 -29.14
CA VAL B 281 36.26 -3.31 -28.35
C VAL B 281 35.26 -2.15 -28.55
N VAL B 282 34.70 -2.01 -29.79
CA VAL B 282 33.67 -1.01 -30.15
C VAL B 282 32.42 -1.33 -29.35
N LEU B 283 32.02 -2.63 -29.29
CA LEU B 283 30.86 -3.10 -28.55
C LEU B 283 31.00 -2.77 -27.07
N THR B 284 32.17 -3.02 -26.46
CA THR B 284 32.41 -2.74 -25.04
C THR B 284 32.37 -1.23 -24.76
N TYR B 285 33.00 -0.43 -25.64
CA TYR B 285 33.04 1.04 -25.53
C TYR B 285 31.61 1.63 -25.65
N ALA B 286 30.85 1.21 -26.68
CA ALA B 286 29.48 1.66 -26.94
C ALA B 286 28.55 1.41 -25.73
N TRP B 287 28.54 0.17 -25.16
CA TRP B 287 27.73 -0.17 -24.00
C TRP B 287 28.08 0.75 -22.85
N HIS B 288 29.37 0.87 -22.53
CA HIS B 288 29.91 1.68 -21.45
C HIS B 288 29.48 3.14 -21.54
N THR B 289 29.54 3.74 -22.75
CA THR B 289 29.20 5.15 -23.00
C THR B 289 27.68 5.36 -23.07
N SER B 290 26.95 4.40 -23.64
CA SER B 290 25.49 4.49 -23.78
C SER B 290 24.79 4.33 -22.42
N PHE B 291 25.26 3.37 -21.61
CA PHE B 291 24.74 3.07 -20.29
C PHE B 291 24.98 4.27 -19.35
N LYS B 292 26.15 4.94 -19.49
CA LYS B 292 26.51 6.14 -18.71
C LYS B 292 25.59 7.34 -19.06
N ALA B 293 25.27 7.51 -20.36
CA ALA B 293 24.45 8.60 -20.89
C ALA B 293 22.92 8.31 -20.88
N LEU B 294 22.44 7.33 -20.05
CA LEU B 294 21.02 6.95 -19.96
C LEU B 294 20.16 7.99 -19.23
N GLY B 295 20.76 8.74 -18.31
CA GLY B 295 20.06 9.77 -17.53
C GLY B 295 19.81 11.09 -18.23
N THR B 296 20.45 11.31 -19.41
CA THR B 296 20.38 12.52 -20.24
C THR B 296 20.03 12.18 -21.71
N THR B 297 19.52 13.14 -22.49
CA THR B 297 19.21 12.91 -23.90
C THR B 297 20.52 12.86 -24.76
N TYR B 298 21.69 13.28 -24.17
CA TYR B 298 23.05 13.29 -24.78
C TYR B 298 23.38 11.98 -25.48
N GLN B 299 23.50 12.00 -26.82
CA GLN B 299 23.82 10.81 -27.64
C GLN B 299 25.36 10.74 -27.82
N PRO B 300 26.08 9.84 -27.09
CA PRO B 300 27.55 9.85 -27.19
C PRO B 300 28.12 9.25 -28.47
N LEU B 301 27.42 8.24 -29.06
CA LEU B 301 27.82 7.51 -30.27
C LEU B 301 27.38 8.18 -31.55
N SER B 302 26.89 9.43 -31.46
CA SER B 302 26.38 10.23 -32.57
C SER B 302 27.43 10.47 -33.70
N GLY B 303 28.52 11.20 -33.39
CA GLY B 303 29.55 11.52 -34.36
C GLY B 303 30.59 10.44 -34.55
N LYS B 304 30.79 9.59 -33.53
CA LYS B 304 31.79 8.54 -33.53
C LYS B 304 31.62 7.51 -34.65
N THR B 305 30.38 7.22 -35.07
CA THR B 305 30.06 6.22 -36.10
C THR B 305 31.17 6.06 -37.17
N SER B 306 31.64 7.18 -37.76
CA SER B 306 32.68 7.22 -38.81
C SER B 306 34.01 6.68 -38.29
N TYR B 307 34.45 7.18 -37.11
CA TYR B 307 35.68 6.80 -36.40
C TYR B 307 35.70 5.30 -36.04
N PHE B 308 34.52 4.66 -35.91
CA PHE B 308 34.41 3.24 -35.59
C PHE B 308 34.81 2.38 -36.78
N HIS B 309 34.33 2.75 -37.99
CA HIS B 309 34.64 2.04 -39.24
C HIS B 309 36.13 2.24 -39.62
N LEU B 310 36.69 3.43 -39.36
CA LEU B 310 38.09 3.76 -39.61
C LEU B 310 38.99 2.77 -38.88
N LEU B 311 38.85 2.66 -37.55
CA LEU B 311 39.65 1.79 -36.70
C LEU B 311 39.48 0.30 -37.00
N THR B 312 38.23 -0.18 -37.10
CA THR B 312 37.91 -1.60 -37.32
C THR B 312 38.31 -2.12 -38.70
N TRP B 313 38.37 -1.26 -39.72
CA TRP B 313 38.74 -1.74 -41.04
C TRP B 313 40.20 -1.39 -41.41
N SER B 314 40.82 -0.39 -40.73
CA SER B 314 42.22 -0.02 -41.01
C SER B 314 43.21 -0.86 -40.20
N LEU B 315 43.02 -1.00 -38.86
CA LEU B 315 43.94 -1.78 -38.01
C LEU B 315 44.17 -3.22 -38.53
N PRO B 316 43.13 -4.02 -38.91
CA PRO B 316 43.43 -5.36 -39.45
C PRO B 316 44.14 -5.28 -40.80
N PHE B 317 43.82 -4.24 -41.62
CA PHE B 317 44.45 -4.03 -42.93
C PHE B 317 45.96 -3.79 -42.79
N VAL B 318 46.37 -2.90 -41.86
CA VAL B 318 47.77 -2.58 -41.56
C VAL B 318 48.51 -3.88 -41.13
N LEU B 319 47.87 -4.70 -40.27
CA LEU B 319 48.46 -5.95 -39.77
C LEU B 319 48.59 -7.00 -40.88
N THR B 320 47.55 -7.18 -41.72
CA THR B 320 47.53 -8.16 -42.83
C THR B 320 48.64 -7.79 -43.81
N VAL B 321 48.74 -6.50 -44.18
CA VAL B 321 49.76 -5.98 -45.10
C VAL B 321 51.18 -6.23 -44.52
N ALA B 322 51.38 -5.97 -43.21
CA ALA B 322 52.66 -6.19 -42.52
C ALA B 322 53.11 -7.67 -42.56
N ILE B 323 52.19 -8.63 -42.46
CA ILE B 323 52.50 -10.06 -42.49
C ILE B 323 52.95 -10.44 -43.89
N LEU B 324 52.24 -9.96 -44.94
CA LEU B 324 52.58 -10.20 -46.34
C LEU B 324 53.97 -9.63 -46.66
N ALA B 325 54.35 -8.51 -45.99
CA ALA B 325 55.64 -7.83 -46.14
C ALA B 325 56.76 -8.66 -45.54
N VAL B 326 56.59 -9.20 -44.32
CA VAL B 326 57.60 -10.04 -43.66
C VAL B 326 57.53 -11.46 -44.21
N ALA B 327 56.50 -11.76 -45.03
CA ALA B 327 56.21 -13.03 -45.70
C ALA B 327 56.29 -14.22 -44.73
N GLN B 328 55.41 -14.23 -43.72
CA GLN B 328 55.42 -15.30 -42.73
C GLN B 328 54.10 -16.08 -42.75
N VAL B 329 53.45 -16.10 -43.93
CA VAL B 329 52.21 -16.83 -44.17
C VAL B 329 52.59 -18.27 -44.45
N ASP B 330 52.32 -19.16 -43.50
CA ASP B 330 52.64 -20.56 -43.64
C ASP B 330 51.35 -21.37 -43.70
N GLY B 331 51.34 -22.37 -44.55
CA GLY B 331 50.20 -23.28 -44.71
C GLY B 331 50.32 -24.48 -43.78
N ASP B 332 49.19 -25.12 -43.47
CA ASP B 332 49.17 -26.30 -42.60
C ASP B 332 48.02 -27.20 -42.97
N SER B 333 48.32 -28.50 -43.08
CA SER B 333 47.35 -29.51 -43.49
C SER B 333 46.30 -29.82 -42.41
N VAL B 334 46.69 -29.92 -41.12
CA VAL B 334 45.76 -30.28 -40.04
C VAL B 334 44.69 -29.17 -39.86
N SER B 335 45.08 -27.89 -39.84
CA SER B 335 44.14 -26.77 -39.73
C SER B 335 43.45 -26.47 -41.09
N GLY B 336 44.12 -26.83 -42.18
CA GLY B 336 43.62 -26.67 -43.55
C GLY B 336 43.61 -25.24 -44.06
N ILE B 337 44.27 -24.32 -43.34
CA ILE B 337 44.33 -22.90 -43.73
C ILE B 337 45.77 -22.39 -43.65
N CYS B 338 46.01 -21.25 -44.32
CA CYS B 338 47.27 -20.53 -44.31
C CYS B 338 47.18 -19.46 -43.25
N PHE B 339 48.15 -19.40 -42.33
CA PHE B 339 48.11 -18.46 -41.21
C PHE B 339 49.49 -17.86 -40.94
N VAL B 340 49.51 -16.84 -40.10
CA VAL B 340 50.74 -16.15 -39.71
C VAL B 340 51.43 -16.89 -38.54
N GLY B 341 52.69 -17.23 -38.75
CA GLY B 341 53.54 -17.84 -37.73
C GLY B 341 53.40 -19.32 -37.43
N TYR B 342 53.17 -20.14 -38.46
CA TYR B 342 53.12 -21.59 -38.26
C TYR B 342 54.56 -22.13 -38.20
N LYS B 343 55.44 -21.63 -39.10
CA LYS B 343 56.86 -22.02 -39.16
C LYS B 343 57.63 -21.37 -38.01
N ASN B 344 57.50 -20.04 -37.83
CA ASN B 344 58.17 -19.30 -36.76
C ASN B 344 57.13 -18.75 -35.78
N TYR B 345 57.07 -19.36 -34.57
CA TYR B 345 56.14 -19.08 -33.48
C TYR B 345 56.08 -17.61 -33.07
N ARG B 346 57.22 -16.90 -33.13
CA ARG B 346 57.34 -15.49 -32.75
C ARG B 346 56.40 -14.57 -33.56
N TYR B 347 56.18 -14.85 -34.86
CA TYR B 347 55.29 -14.04 -35.70
C TYR B 347 53.81 -14.25 -35.32
N ARG B 348 53.41 -15.48 -34.95
CA ARG B 348 52.06 -15.78 -34.49
C ARG B 348 51.82 -15.05 -33.18
N ALA B 349 52.85 -15.01 -32.31
CA ALA B 349 52.77 -14.33 -31.01
C ALA B 349 52.60 -12.82 -31.18
N GLY B 350 53.38 -12.23 -32.08
CA GLY B 350 53.38 -10.80 -32.35
C GLY B 350 52.12 -10.31 -33.02
N PHE B 351 51.66 -11.00 -34.09
CA PHE B 351 50.50 -10.61 -34.88
C PHE B 351 49.15 -11.16 -34.39
N VAL B 352 49.14 -12.19 -33.52
CA VAL B 352 47.86 -12.76 -33.07
C VAL B 352 47.71 -12.60 -31.54
N LEU B 353 48.66 -13.14 -30.75
CA LEU B 353 48.62 -13.11 -29.28
C LEU B 353 48.66 -11.67 -28.70
N ALA B 354 49.56 -10.80 -29.18
CA ALA B 354 49.67 -9.41 -28.72
C ALA B 354 48.39 -8.58 -29.04
N PRO B 355 47.82 -8.52 -30.30
CA PRO B 355 46.58 -7.75 -30.49
C PRO B 355 45.40 -8.30 -29.65
N ILE B 356 45.28 -9.64 -29.49
CA ILE B 356 44.20 -10.23 -28.70
C ILE B 356 44.36 -9.87 -27.21
N GLY B 357 45.60 -9.74 -26.74
CA GLY B 357 45.89 -9.32 -25.37
C GLY B 357 45.51 -7.88 -25.14
N LEU B 358 45.76 -7.03 -26.15
CA LEU B 358 45.47 -5.62 -26.14
C LEU B 358 43.95 -5.39 -26.17
N VAL B 359 43.19 -6.22 -26.93
CA VAL B 359 41.73 -6.07 -27.00
C VAL B 359 41.09 -6.52 -25.67
N LEU B 360 41.72 -7.47 -24.93
CA LEU B 360 41.21 -7.95 -23.65
C LEU B 360 41.43 -6.92 -22.56
N ILE B 361 42.55 -6.19 -22.59
CA ILE B 361 42.82 -5.18 -21.57
C ILE B 361 41.98 -3.91 -21.83
N VAL B 362 41.86 -3.46 -23.10
CA VAL B 362 41.09 -2.26 -23.48
C VAL B 362 39.59 -2.58 -23.40
N GLY B 363 39.17 -3.73 -23.93
CA GLY B 363 37.78 -4.17 -23.88
C GLY B 363 37.29 -4.45 -22.46
N GLY B 364 38.18 -5.04 -21.63
CA GLY B 364 37.93 -5.35 -20.23
C GLY B 364 37.72 -4.09 -19.40
N TYR B 365 38.46 -3.02 -19.72
CA TYR B 365 38.38 -1.72 -19.06
C TYR B 365 36.98 -1.14 -19.20
N PHE B 366 36.42 -1.17 -20.43
CA PHE B 366 35.09 -0.66 -20.74
C PHE B 366 33.98 -1.47 -20.07
N LEU B 367 34.16 -2.79 -19.95
CA LEU B 367 33.18 -3.66 -19.28
C LEU B 367 33.16 -3.37 -17.78
N ILE B 368 34.34 -3.06 -17.19
CA ILE B 368 34.52 -2.72 -15.78
C ILE B 368 33.85 -1.36 -15.52
N ARG B 369 34.16 -0.36 -16.39
CA ARG B 369 33.59 0.98 -16.34
C ARG B 369 32.06 0.90 -16.38
N GLY B 370 31.52 -0.01 -17.20
CA GLY B 370 30.10 -0.27 -17.32
C GLY B 370 29.50 -0.90 -16.08
N VAL B 371 30.26 -1.75 -15.35
CA VAL B 371 29.75 -2.35 -14.10
C VAL B 371 29.83 -1.30 -12.98
N MET B 372 30.77 -0.33 -13.09
CA MET B 372 30.90 0.79 -12.16
C MET B 372 29.67 1.71 -12.29
N THR B 373 29.14 1.84 -13.53
CA THR B 373 27.94 2.62 -13.87
C THR B 373 26.70 1.91 -13.33
N LEU B 374 26.72 0.57 -13.30
CA LEU B 374 25.62 -0.24 -12.79
C LEU B 374 25.36 0.03 -11.32
N PHE B 375 26.44 0.22 -10.52
CA PHE B 375 26.36 0.49 -9.08
C PHE B 375 26.49 1.99 -8.75
N SER B 376 26.21 2.85 -9.75
CA SER B 376 26.20 4.31 -9.64
C SER B 376 24.77 4.86 -9.90
N ILE B 377 24.05 4.22 -10.87
CA ILE B 377 22.74 4.64 -11.42
C ILE B 377 21.50 4.14 -10.63
N LYS B 378 21.42 2.86 -10.17
CA LYS B 378 20.24 2.25 -9.52
C LYS B 378 19.55 3.12 -8.43
N SER B 379 20.31 3.59 -7.42
CA SER B 379 19.87 4.41 -6.27
C SER B 379 19.08 5.69 -6.65
N ASN B 380 19.45 6.34 -7.77
CA ASN B 380 19.08 7.68 -8.23
C ASN B 380 17.59 8.08 -8.65
N HIS B 381 16.67 7.23 -9.24
CA HIS B 381 15.46 7.90 -9.80
C HIS B 381 13.99 7.43 -9.61
N ALA B 382 13.63 6.26 -9.05
CA ALA B 382 12.19 5.90 -9.10
C ALA B 382 11.38 6.50 -7.95
N LYS B 383 10.20 7.07 -8.29
CA LYS B 383 9.26 7.67 -7.34
C LYS B 383 8.02 6.81 -7.20
N ALA B 384 7.65 6.48 -5.94
CA ALA B 384 6.48 5.64 -5.65
C ALA B 384 5.62 6.19 -4.51
N LEU B 385 4.30 6.17 -4.71
CA LEU B 385 3.31 6.59 -3.72
C LEU B 385 2.56 5.35 -3.19
N ILE B 386 2.43 5.23 -1.85
CA ILE B 386 1.68 4.14 -1.22
C ILE B 386 0.56 4.74 -0.39
N VAL B 387 -0.70 4.60 -0.82
CA VAL B 387 -1.86 5.10 -0.07
C VAL B 387 -2.60 3.92 0.55
N TYR B 388 -2.77 3.93 1.88
CA TYR B 388 -3.43 2.82 2.58
C TYR B 388 -4.67 3.24 3.39
N GLY B 389 -5.60 2.31 3.51
CA GLY B 389 -6.82 2.41 4.30
C GLY B 389 -6.77 1.30 5.33
N SER B 390 -6.48 1.65 6.61
CA SER B 390 -6.34 0.66 7.68
C SER B 390 -7.04 1.07 8.99
N THR B 391 -7.88 0.17 9.55
CA THR B 391 -8.61 0.37 10.81
C THR B 391 -7.85 -0.25 12.01
N THR B 392 -7.32 -1.46 11.83
CA THR B 392 -6.70 -2.30 12.84
C THR B 392 -5.15 -2.25 12.70
N GLY B 393 -4.65 -1.57 11.66
CA GLY B 393 -3.22 -1.43 11.40
C GLY B 393 -2.54 -2.53 10.60
N ASN B 394 -3.35 -3.51 10.09
CA ASN B 394 -2.82 -4.62 9.31
C ASN B 394 -2.36 -4.16 7.93
N THR B 395 -3.17 -3.32 7.25
CA THR B 395 -2.83 -2.81 5.94
C THR B 395 -1.72 -1.75 6.12
N GLU B 396 -1.77 -0.95 7.24
CA GLU B 396 -0.74 0.06 7.57
C GLU B 396 0.64 -0.63 7.69
N TYR B 397 0.69 -1.79 8.38
CA TYR B 397 1.89 -2.59 8.55
C TYR B 397 2.39 -3.12 7.18
N THR B 398 1.46 -3.66 6.35
CA THR B 398 1.77 -4.17 5.01
C THR B 398 2.33 -3.03 4.14
N ALA B 399 1.70 -1.86 4.18
CA ALA B 399 2.13 -0.67 3.46
C ALA B 399 3.56 -0.31 3.81
N GLU B 400 3.88 -0.29 5.13
CA GLU B 400 5.22 0.01 5.66
C GLU B 400 6.25 -1.06 5.22
N THR B 401 5.83 -2.35 5.21
CA THR B 401 6.66 -3.49 4.78
C THR B 401 6.99 -3.33 3.28
N ILE B 402 5.99 -2.92 2.46
CA ILE B 402 6.16 -2.70 1.01
C ILE B 402 7.12 -1.50 0.80
N ALA B 403 6.90 -0.41 1.57
CA ALA B 403 7.68 0.83 1.50
C ALA B 403 9.15 0.59 1.75
N ARG B 404 9.51 -0.11 2.82
CA ARG B 404 10.92 -0.38 3.14
C ARG B 404 11.60 -1.27 2.06
N GLU B 405 10.85 -2.14 1.36
CA GLU B 405 11.37 -3.05 0.32
C GLU B 405 11.72 -2.25 -0.94
N LEU B 406 10.83 -1.32 -1.38
CA LEU B 406 11.05 -0.45 -2.55
C LEU B 406 12.21 0.49 -2.29
N ALA B 407 12.25 1.08 -1.08
CA ALA B 407 13.29 1.98 -0.60
C ALA B 407 14.66 1.31 -0.58
N ASP B 408 14.70 0.02 -0.21
CA ASP B 408 15.93 -0.76 -0.17
C ASP B 408 16.48 -0.97 -1.60
N ALA B 409 15.56 -0.97 -2.60
CA ALA B 409 15.86 -1.16 -4.01
C ALA B 409 16.21 0.15 -4.75
N GLY B 410 16.12 1.28 -4.04
CA GLY B 410 16.46 2.60 -4.57
C GLY B 410 15.31 3.48 -4.97
N TYR B 411 14.12 3.22 -4.41
CA TYR B 411 12.95 4.04 -4.71
C TYR B 411 12.83 5.16 -3.68
N GLU B 412 12.12 6.23 -4.05
CA GLU B 412 11.81 7.33 -3.15
C GLU B 412 10.34 7.14 -2.84
N VAL B 413 10.07 6.50 -1.70
CA VAL B 413 8.73 6.11 -1.30
C VAL B 413 8.07 7.18 -0.46
N ASP B 414 6.81 7.46 -0.79
CA ASP B 414 5.93 8.40 -0.11
C ASP B 414 4.71 7.59 0.35
N SER B 415 4.71 7.17 1.64
CA SER B 415 3.63 6.38 2.23
C SER B 415 2.65 7.30 2.94
N ARG B 416 1.38 7.24 2.54
CA ARG B 416 0.33 8.10 3.08
C ARG B 416 -0.93 7.31 3.51
N ASP B 417 -1.60 7.82 4.54
CA ASP B 417 -2.85 7.30 5.06
C ASP B 417 -3.96 7.95 4.26
N ALA B 418 -4.95 7.19 3.81
CA ALA B 418 -6.07 7.70 3.01
C ALA B 418 -6.86 8.82 3.71
N ALA B 419 -6.88 8.79 5.06
CA ALA B 419 -7.58 9.75 5.93
C ALA B 419 -7.00 11.14 5.77
N SER B 420 -5.67 11.24 5.46
CA SER B 420 -4.95 12.52 5.31
C SER B 420 -4.49 12.78 3.84
N VAL B 421 -5.35 12.50 2.86
CA VAL B 421 -5.01 12.74 1.45
C VAL B 421 -6.17 13.39 0.72
N GLU B 422 -5.82 14.21 -0.27
CA GLU B 422 -6.78 14.86 -1.18
C GLU B 422 -6.62 14.19 -2.54
N ALA B 423 -7.73 13.65 -3.08
CA ALA B 423 -7.78 12.90 -4.33
C ALA B 423 -7.25 13.67 -5.55
N GLY B 424 -7.57 14.96 -5.65
CA GLY B 424 -7.15 15.86 -6.74
C GLY B 424 -5.67 15.85 -7.08
N GLY B 425 -5.37 15.26 -8.24
CA GLY B 425 -4.02 15.11 -8.77
C GLY B 425 -3.03 14.47 -7.84
N LEU B 426 -3.49 13.48 -7.06
CA LEU B 426 -2.72 12.76 -6.04
C LEU B 426 -1.60 11.93 -6.64
N PHE B 427 -1.87 11.28 -7.79
CA PHE B 427 -0.94 10.37 -8.44
C PHE B 427 0.11 11.10 -9.29
N GLU B 428 -0.08 12.41 -9.54
CA GLU B 428 0.82 13.26 -10.35
C GLU B 428 2.23 13.35 -9.75
N GLY B 429 3.21 12.98 -10.58
CA GLY B 429 4.62 12.97 -10.24
C GLY B 429 5.21 11.66 -9.76
N PHE B 430 4.42 10.54 -9.82
CA PHE B 430 4.87 9.22 -9.38
C PHE B 430 4.89 8.21 -10.50
N ASP B 431 5.94 7.37 -10.52
CA ASP B 431 6.13 6.33 -11.54
C ASP B 431 5.22 5.13 -11.25
N LEU B 432 5.13 4.79 -9.96
CA LEU B 432 4.33 3.71 -9.41
C LEU B 432 3.44 4.19 -8.28
N VAL B 433 2.20 3.73 -8.28
CA VAL B 433 1.22 4.05 -7.23
C VAL B 433 0.68 2.71 -6.69
N LEU B 434 0.82 2.48 -5.37
CA LEU B 434 0.32 1.26 -4.74
C LEU B 434 -0.79 1.61 -3.75
N LEU B 435 -2.03 1.21 -4.07
CA LEU B 435 -3.20 1.44 -3.22
C LEU B 435 -3.50 0.20 -2.33
N GLY B 436 -3.63 0.41 -1.03
CA GLY B 436 -3.92 -0.62 -0.04
C GLY B 436 -5.17 -0.36 0.75
N CYS B 437 -6.00 -1.38 0.97
CA CYS B 437 -7.26 -1.25 1.69
C CYS B 437 -7.77 -2.57 2.22
N SER B 438 -8.31 -2.54 3.42
CA SER B 438 -8.88 -3.73 4.06
C SER B 438 -10.38 -3.79 3.75
N THR B 439 -11.01 -4.98 3.90
CA THR B 439 -12.44 -5.16 3.64
C THR B 439 -13.21 -5.20 4.97
N TRP B 440 -14.38 -4.53 4.98
CA TRP B 440 -15.29 -4.39 6.10
C TRP B 440 -16.72 -4.62 5.66
N GLY B 441 -17.65 -4.60 6.61
CA GLY B 441 -19.06 -4.85 6.35
C GLY B 441 -19.43 -6.27 6.67
N ASP B 442 -20.48 -6.40 7.49
CA ASP B 442 -21.00 -7.65 8.02
C ASP B 442 -21.73 -8.47 6.97
N ASP B 443 -22.71 -7.90 6.29
CA ASP B 443 -23.45 -8.64 5.26
C ASP B 443 -22.84 -8.51 3.86
N SER B 444 -22.05 -7.44 3.60
CA SER B 444 -21.50 -7.13 2.27
C SER B 444 -20.06 -6.64 2.24
N ILE B 445 -19.62 -6.13 1.05
CA ILE B 445 -18.30 -5.53 0.78
C ILE B 445 -18.38 -4.02 1.03
N GLU B 446 -17.69 -3.57 2.06
CA GLU B 446 -17.58 -2.18 2.44
C GLU B 446 -16.12 -1.87 2.59
N LEU B 447 -15.64 -0.84 1.89
CA LEU B 447 -14.23 -0.46 1.93
C LEU B 447 -13.89 0.13 3.29
N GLN B 448 -12.61 0.12 3.68
CA GLN B 448 -12.16 0.71 4.92
C GLN B 448 -12.54 2.20 4.90
N ASP B 449 -13.18 2.66 5.98
CA ASP B 449 -13.76 3.99 6.23
C ASP B 449 -12.96 5.17 5.68
N ASP B 450 -11.62 5.16 5.84
CA ASP B 450 -10.75 6.26 5.38
C ASP B 450 -10.54 6.27 3.87
N PHE B 451 -10.69 5.12 3.20
CA PHE B 451 -10.48 4.98 1.76
C PHE B 451 -11.70 5.40 0.92
N ILE B 452 -12.91 5.39 1.53
CA ILE B 452 -14.16 5.74 0.85
C ILE B 452 -14.07 7.14 0.15
N PRO B 453 -13.59 8.24 0.81
CA PRO B 453 -13.53 9.53 0.11
C PRO B 453 -12.61 9.47 -1.12
N LEU B 454 -11.47 8.77 -1.01
CA LEU B 454 -10.50 8.61 -2.10
C LEU B 454 -11.10 7.79 -3.25
N PHE B 455 -11.72 6.65 -2.93
CA PHE B 455 -12.37 5.75 -3.89
C PHE B 455 -13.45 6.48 -4.70
N ASP B 456 -14.30 7.25 -4.01
CA ASP B 456 -15.41 8.01 -4.60
C ASP B 456 -14.93 9.15 -5.54
N SER B 457 -13.70 9.66 -5.33
CA SER B 457 -13.12 10.72 -6.15
C SER B 457 -11.84 10.25 -6.84
N LEU B 458 -11.78 8.95 -7.17
CA LEU B 458 -10.62 8.32 -7.80
C LEU B 458 -10.40 8.82 -9.23
N GLU B 459 -11.45 9.39 -9.85
CA GLU B 459 -11.45 9.96 -11.21
C GLU B 459 -10.51 11.15 -11.31
N GLU B 460 -10.39 11.91 -10.21
CA GLU B 460 -9.58 13.12 -10.09
C GLU B 460 -8.15 12.88 -9.61
N THR B 461 -7.70 11.62 -9.50
CA THR B 461 -6.33 11.32 -9.01
C THR B 461 -5.22 11.41 -10.08
N GLY B 462 -5.60 11.17 -11.34
CA GLY B 462 -4.65 11.11 -12.46
C GLY B 462 -4.17 9.67 -12.64
N ALA B 463 -5.13 8.75 -12.66
CA ALA B 463 -4.89 7.30 -12.77
C ALA B 463 -4.76 6.86 -14.21
N GLN B 464 -5.38 7.60 -15.18
CA GLN B 464 -5.34 7.33 -16.63
C GLN B 464 -3.87 7.14 -17.11
N GLY B 465 -3.55 5.92 -17.51
CA GLY B 465 -2.22 5.51 -17.97
C GLY B 465 -1.17 5.31 -16.89
N ARG B 466 -1.53 5.54 -15.60
CA ARG B 466 -0.63 5.39 -14.45
C ARG B 466 -0.39 3.91 -14.09
N LYS B 467 0.88 3.55 -13.77
CA LYS B 467 1.25 2.20 -13.35
C LYS B 467 0.87 2.01 -11.87
N VAL B 468 -0.12 1.13 -11.63
CA VAL B 468 -0.67 0.87 -10.30
C VAL B 468 -0.76 -0.62 -9.97
N ALA B 469 -0.77 -0.91 -8.67
CA ALA B 469 -0.96 -2.27 -8.12
C ALA B 469 -1.69 -2.14 -6.78
N CYS B 470 -2.57 -3.11 -6.44
CA CYS B 470 -3.30 -3.04 -5.18
C CYS B 470 -2.89 -4.10 -4.19
N PHE B 471 -3.21 -3.86 -2.92
CA PHE B 471 -2.90 -4.78 -1.81
C PHE B 471 -3.93 -4.55 -0.74
N GLY B 472 -4.01 -5.46 0.20
CA GLY B 472 -4.95 -5.34 1.30
C GLY B 472 -5.04 -6.58 2.14
N CYS B 473 -5.50 -6.40 3.36
CA CYS B 473 -5.70 -7.43 4.35
C CYS B 473 -7.16 -7.75 4.41
N GLY B 474 -7.43 -9.02 4.67
CA GLY B 474 -8.77 -9.51 4.83
C GLY B 474 -8.76 -10.68 5.80
N ASP B 475 -9.85 -11.47 5.74
CA ASP B 475 -10.09 -12.68 6.53
C ASP B 475 -11.03 -13.57 5.76
N SER B 476 -10.58 -14.81 5.48
CA SER B 476 -11.35 -15.81 4.73
C SER B 476 -12.63 -16.19 5.47
N SER B 477 -12.66 -15.97 6.82
CA SER B 477 -13.80 -16.22 7.73
C SER B 477 -15.02 -15.44 7.31
N TRP B 478 -14.82 -14.27 6.66
CA TRP B 478 -15.89 -13.42 6.12
C TRP B 478 -16.07 -13.75 4.63
N GLU B 479 -17.32 -13.85 4.13
CA GLU B 479 -17.53 -14.10 2.70
C GLU B 479 -17.04 -12.86 1.98
N TYR B 480 -16.58 -13.01 0.75
CA TYR B 480 -15.96 -11.94 -0.05
C TYR B 480 -14.58 -11.49 0.53
N PHE B 481 -13.62 -12.39 0.43
CA PHE B 481 -12.25 -12.21 0.84
C PHE B 481 -11.55 -11.08 0.02
N CYS B 482 -11.13 -10.04 0.74
CA CYS B 482 -10.45 -8.86 0.20
C CYS B 482 -11.26 -8.22 -0.94
N GLY B 483 -12.57 -8.04 -0.68
CA GLY B 483 -13.53 -7.37 -1.56
C GLY B 483 -13.13 -5.96 -1.93
N ALA B 484 -12.44 -5.24 -1.00
CA ALA B 484 -11.90 -3.88 -1.19
C ALA B 484 -10.84 -3.88 -2.31
N VAL B 485 -9.90 -4.88 -2.28
CA VAL B 485 -8.85 -5.02 -3.31
C VAL B 485 -9.51 -5.16 -4.70
N ASP B 486 -10.54 -6.01 -4.80
CA ASP B 486 -11.33 -6.27 -6.01
C ASP B 486 -11.96 -4.98 -6.49
N ALA B 487 -12.68 -4.28 -5.59
CA ALA B 487 -13.40 -3.04 -5.89
C ALA B 487 -12.47 -1.91 -6.36
N ILE B 488 -11.27 -1.78 -5.74
CA ILE B 488 -10.31 -0.75 -6.07
C ILE B 488 -9.66 -1.02 -7.42
N GLU B 489 -9.16 -2.26 -7.67
CA GLU B 489 -8.53 -2.50 -8.98
C GLU B 489 -9.59 -2.48 -10.14
N GLU B 490 -10.87 -2.78 -9.85
CA GLU B 490 -11.94 -2.70 -10.84
C GLU B 490 -12.15 -1.23 -11.25
N LYS B 491 -12.25 -0.30 -10.27
CA LYS B 491 -12.43 1.14 -10.55
C LYS B 491 -11.18 1.69 -11.26
N LEU B 492 -9.98 1.28 -10.84
CA LEU B 492 -8.73 1.72 -11.45
C LEU B 492 -8.66 1.26 -12.89
N LYS B 493 -9.12 0.03 -13.17
CA LYS B 493 -9.15 -0.53 -14.53
C LYS B 493 -10.18 0.23 -15.41
N ASN B 494 -11.31 0.62 -14.80
CA ASN B 494 -12.38 1.36 -15.46
C ASN B 494 -11.98 2.82 -15.75
N LEU B 495 -10.98 3.37 -15.02
CA LEU B 495 -10.49 4.74 -15.20
C LEU B 495 -9.38 4.81 -16.24
N GLY B 496 -8.77 3.67 -16.58
CA GLY B 496 -7.71 3.58 -17.59
C GLY B 496 -6.31 3.47 -17.05
N ALA B 497 -6.16 2.96 -15.82
CA ALA B 497 -4.86 2.74 -15.17
C ALA B 497 -4.25 1.43 -15.67
N GLU B 498 -2.91 1.29 -15.52
CA GLU B 498 -2.19 0.09 -15.92
C GLU B 498 -1.88 -0.75 -14.69
N ILE B 499 -2.69 -1.81 -14.46
CA ILE B 499 -2.48 -2.72 -13.34
C ILE B 499 -1.25 -3.61 -13.64
N VAL B 500 -0.18 -3.33 -12.90
CA VAL B 500 1.14 -3.92 -12.96
C VAL B 500 1.10 -5.40 -12.53
N GLN B 501 0.46 -5.72 -11.39
CA GLN B 501 0.37 -7.10 -10.86
C GLN B 501 -0.95 -7.34 -10.20
N ASP B 502 -1.33 -8.62 -10.06
CA ASP B 502 -2.55 -9.01 -9.34
C ASP B 502 -2.34 -8.64 -7.89
N GLY B 503 -3.36 -8.04 -7.30
CA GLY B 503 -3.37 -7.58 -5.92
C GLY B 503 -2.92 -8.58 -4.88
N LEU B 504 -2.04 -8.12 -3.94
CA LEU B 504 -1.57 -8.94 -2.83
C LEU B 504 -2.73 -9.02 -1.81
N ARG B 505 -3.35 -10.20 -1.68
CA ARG B 505 -4.48 -10.41 -0.77
C ARG B 505 -4.02 -11.23 0.45
N ILE B 506 -3.91 -10.56 1.61
CA ILE B 506 -3.42 -11.21 2.84
C ILE B 506 -4.59 -11.81 3.63
N ASP B 507 -4.51 -13.11 3.95
CA ASP B 507 -5.47 -13.79 4.80
C ASP B 507 -4.89 -13.81 6.22
N GLY B 508 -5.53 -13.11 7.13
CA GLY B 508 -5.04 -13.07 8.49
C GLY B 508 -3.95 -12.05 8.73
N ASP B 509 -3.12 -12.31 9.76
CA ASP B 509 -2.06 -11.41 10.21
C ASP B 509 -0.93 -11.29 9.18
N PRO B 510 -0.69 -10.06 8.65
CA PRO B 510 0.38 -9.89 7.67
C PRO B 510 1.78 -10.13 8.23
N ARG B 511 1.96 -10.09 9.60
CA ARG B 511 3.26 -10.34 10.26
C ARG B 511 3.76 -11.77 9.95
N ALA B 512 2.82 -12.73 9.90
CA ALA B 512 3.07 -14.12 9.57
C ALA B 512 3.28 -14.31 8.04
N ALA B 513 2.88 -13.34 7.23
CA ALA B 513 3.07 -13.42 5.79
C ALA B 513 4.09 -12.37 5.31
N ARG B 514 5.08 -12.04 6.16
CA ARG B 514 6.11 -11.01 5.91
C ARG B 514 6.86 -11.20 4.56
N ASP B 515 7.44 -12.37 4.33
CA ASP B 515 8.20 -12.71 3.14
C ASP B 515 7.33 -12.73 1.88
N ASP B 516 6.01 -12.92 2.02
CA ASP B 516 5.06 -12.91 0.91
C ASP B 516 4.91 -11.49 0.40
N ILE B 517 4.87 -10.53 1.35
CA ILE B 517 4.77 -9.08 1.11
C ILE B 517 6.06 -8.63 0.43
N VAL B 518 7.21 -9.07 0.99
CA VAL B 518 8.56 -8.77 0.51
C VAL B 518 8.71 -9.30 -0.95
N GLY B 519 8.29 -10.54 -1.17
CA GLY B 519 8.28 -11.14 -2.49
C GLY B 519 7.41 -10.44 -3.51
N TRP B 520 6.17 -10.04 -3.11
CA TRP B 520 5.20 -9.34 -3.97
C TRP B 520 5.76 -7.99 -4.39
N ALA B 521 6.31 -7.23 -3.41
CA ALA B 521 6.92 -5.91 -3.62
C ALA B 521 8.05 -5.99 -4.65
N HIS B 522 8.87 -7.07 -4.55
CA HIS B 522 9.99 -7.33 -5.43
C HIS B 522 9.51 -7.52 -6.87
N ASP B 523 8.48 -8.36 -7.05
CA ASP B 523 7.89 -8.68 -8.35
C ASP B 523 7.20 -7.47 -8.97
N VAL B 524 6.69 -6.56 -8.12
CA VAL B 524 6.01 -5.33 -8.57
C VAL B 524 7.02 -4.44 -9.31
N ARG B 525 8.25 -4.31 -8.75
CA ARG B 525 9.35 -3.49 -9.31
C ARG B 525 9.80 -4.02 -10.66
N GLY B 526 9.80 -5.33 -10.81
CA GLY B 526 10.23 -6.00 -12.02
C GLY B 526 9.40 -5.73 -13.25
N ALA B 527 8.05 -5.70 -13.09
CA ALA B 527 7.11 -5.52 -14.20
C ALA B 527 7.11 -4.09 -14.76
N ILE B 528 7.88 -3.19 -14.12
CA ILE B 528 8.11 -1.85 -14.61
C ILE B 528 9.22 -2.03 -15.63
N LYS B 529 8.92 -1.70 -16.90
CA LYS B 529 9.83 -1.90 -18.03
C LYS B 529 11.13 -1.12 -17.89
N ILE B 530 12.22 -1.73 -18.34
CA ILE B 530 13.55 -1.15 -18.31
C ILE B 530 14.15 -1.18 -19.70
N ASN B 531 15.42 -0.78 -19.82
CA ASN B 531 16.06 -0.77 -21.13
C ASN B 531 16.62 -2.17 -21.37
N GLU B 532 15.84 -3.03 -22.06
CA GLU B 532 16.22 -4.42 -22.37
C GLU B 532 17.35 -4.48 -23.41
N THR B 533 17.40 -3.48 -24.33
CA THR B 533 18.42 -3.36 -25.38
C THR B 533 19.78 -3.15 -24.76
N MET B 534 19.85 -2.27 -23.74
CA MET B 534 21.07 -1.95 -23.00
C MET B 534 21.55 -3.15 -22.21
N LEU B 535 20.61 -3.89 -21.57
CA LEU B 535 20.86 -5.12 -20.79
C LEU B 535 21.50 -6.17 -21.69
N ARG B 536 20.86 -6.41 -22.83
CA ARG B 536 21.28 -7.37 -23.83
C ARG B 536 22.69 -7.04 -24.36
N LEU B 537 22.98 -5.76 -24.67
CA LEU B 537 24.31 -5.28 -25.11
C LEU B 537 25.39 -5.66 -24.09
N GLY B 538 25.08 -5.46 -22.79
CA GLY B 538 25.95 -5.77 -21.67
C GLY B 538 26.24 -7.26 -21.51
N ILE B 539 25.23 -8.15 -21.79
CA ILE B 539 25.40 -9.60 -21.68
C ILE B 539 26.28 -10.07 -22.83
N PHE B 540 26.02 -9.57 -24.05
CA PHE B 540 26.76 -9.91 -25.27
C PHE B 540 28.23 -9.44 -25.17
N GLY B 541 28.45 -8.32 -24.49
CA GLY B 541 29.79 -7.77 -24.25
C GLY B 541 30.59 -8.66 -23.32
N PHE B 542 29.98 -9.11 -22.22
CA PHE B 542 30.60 -10.01 -21.26
C PHE B 542 30.74 -11.43 -21.82
N LEU B 543 29.78 -11.84 -22.66
CA LEU B 543 29.78 -13.14 -23.34
C LEU B 543 30.95 -13.22 -24.31
N ALA B 544 31.13 -12.19 -25.19
CA ALA B 544 32.21 -12.11 -26.18
C ALA B 544 33.58 -12.10 -25.49
N PHE B 545 33.72 -11.35 -24.37
CA PHE B 545 34.94 -11.27 -23.57
C PHE B 545 35.38 -12.65 -23.10
N GLY B 546 34.44 -13.46 -22.60
CA GLY B 546 34.67 -14.83 -22.13
C GLY B 546 35.31 -15.72 -23.19
N PHE B 547 34.73 -15.71 -24.41
CA PHE B 547 35.21 -16.45 -25.57
C PHE B 547 36.55 -15.93 -26.06
N VAL B 548 36.78 -14.60 -26.06
CA VAL B 548 38.04 -13.99 -26.50
C VAL B 548 39.17 -14.39 -25.50
N LEU B 549 38.84 -14.44 -24.17
CA LEU B 549 39.77 -14.82 -23.11
C LEU B 549 40.25 -16.27 -23.28
N ILE B 550 39.38 -17.19 -23.74
CA ILE B 550 39.72 -18.60 -23.99
C ILE B 550 40.65 -18.67 -25.23
N THR B 551 40.34 -17.94 -26.31
CA THR B 551 41.11 -17.86 -27.56
C THR B 551 42.54 -17.42 -27.25
N PHE B 552 42.71 -16.38 -26.39
CA PHE B 552 44.00 -15.84 -25.94
C PHE B 552 44.80 -16.89 -25.18
N SER B 553 44.14 -17.64 -24.26
CA SER B 553 44.77 -18.69 -23.44
C SER B 553 45.43 -19.75 -24.33
N CYS B 554 44.68 -20.26 -25.32
CA CYS B 554 45.09 -21.26 -26.28
C CYS B 554 46.25 -20.76 -27.16
N HIS B 555 46.24 -19.49 -27.57
CA HIS B 555 47.33 -18.91 -28.34
C HIS B 555 48.58 -18.75 -27.46
N PHE B 556 48.39 -18.53 -26.14
CA PHE B 556 49.47 -18.38 -25.19
C PHE B 556 50.15 -19.71 -24.94
N TYR B 557 49.36 -20.81 -24.88
CA TYR B 557 49.88 -22.17 -24.69
C TYR B 557 50.83 -22.52 -25.84
N ASP B 558 50.36 -22.30 -27.09
CA ASP B 558 51.12 -22.53 -28.30
C ASP B 558 52.38 -21.65 -28.35
N PHE B 559 52.30 -20.39 -27.91
CA PHE B 559 53.45 -19.47 -27.90
C PHE B 559 54.50 -19.93 -26.90
N PHE B 560 54.07 -20.28 -25.67
CA PHE B 560 54.92 -20.71 -24.56
C PHE B 560 55.53 -22.12 -24.78
N ASN B 561 55.06 -22.87 -25.80
CA ASN B 561 55.55 -24.22 -26.03
C ASN B 561 56.11 -24.50 -27.44
N GLN B 562 55.70 -23.75 -28.51
CA GLN B 562 56.14 -24.02 -29.89
C GLN B 562 57.67 -24.00 -30.09
N ALA B 563 58.43 -23.26 -29.25
CA ALA B 563 59.89 -23.23 -29.28
C ALA B 563 60.46 -24.65 -29.13
N GLU B 564 59.85 -25.47 -28.25
CA GLU B 564 60.23 -26.87 -28.00
C GLU B 564 59.70 -27.76 -29.11
N TRP B 565 58.50 -27.46 -29.65
CA TRP B 565 57.86 -28.24 -30.73
C TRP B 565 58.62 -28.09 -32.03
N GLU B 566 59.16 -26.88 -32.33
CA GLU B 566 59.97 -26.56 -33.53
C GLU B 566 61.27 -27.35 -33.53
N ARG B 567 61.89 -27.47 -32.34
CA ARG B 567 63.10 -28.22 -32.07
C ARG B 567 62.84 -29.68 -32.37
N SER B 568 61.73 -30.22 -31.82
CA SER B 568 61.29 -31.61 -32.00
C SER B 568 60.92 -31.90 -33.45
N PHE B 569 60.45 -30.87 -34.20
CA PHE B 569 60.08 -30.98 -35.61
C PHE B 569 61.36 -31.14 -36.44
N ARG B 570 62.37 -30.29 -36.18
CA ARG B 570 63.67 -30.30 -36.84
C ARG B 570 64.41 -31.61 -36.53
N ASP B 571 64.52 -31.98 -35.23
CA ASP B 571 65.20 -33.18 -34.74
C ASP B 571 64.61 -34.46 -35.34
N TYR B 572 63.28 -34.59 -35.40
CA TYR B 572 62.60 -35.78 -35.93
C TYR B 572 62.77 -35.90 -37.47
N VAL B 573 62.58 -34.80 -38.22
CA VAL B 573 62.67 -34.78 -39.69
C VAL B 573 64.11 -35.09 -40.15
N LEU B 574 65.11 -34.33 -39.64
CA LEU B 574 66.52 -34.51 -40.01
C LEU B 574 67.05 -35.91 -39.67
N CYS B 575 66.50 -36.53 -38.60
CA CYS B 575 66.88 -37.88 -38.18
C CYS B 575 66.41 -38.93 -39.19
N GLN B 576 65.15 -38.84 -39.64
CA GLN B 576 64.56 -39.80 -40.59
C GLN B 576 65.32 -39.80 -41.92
N ALA B 577 65.76 -38.61 -42.36
CA ALA B 577 66.50 -38.33 -43.58
C ALA B 577 67.69 -39.24 -43.75
N ASN B 578 68.49 -39.58 -42.66
CA ASN B 578 69.61 -40.56 -42.66
C ASN B 578 70.90 -40.11 -43.45
N VAL B 579 71.31 -38.84 -43.35
CA VAL B 579 72.49 -38.34 -44.07
C VAL B 579 73.72 -38.53 -43.20
N THR B 580 74.48 -39.59 -43.50
CA THR B 580 75.64 -39.99 -42.74
C THR B 580 76.89 -39.70 -43.54
N ILE B 581 77.52 -38.54 -43.27
CA ILE B 581 78.74 -38.10 -43.93
C ILE B 581 79.91 -39.12 -43.90
N GLY B 582 80.05 -39.85 -42.76
CA GLY B 582 81.05 -40.90 -42.53
C GLY B 582 81.19 -41.46 -41.12
N LEU B 583 80.63 -42.68 -40.84
CA LEU B 583 80.72 -43.44 -39.56
C LEU B 583 80.61 -44.92 -39.84
N PRO B 590 69.42 -45.02 -34.59
CA PRO B 590 68.24 -45.74 -35.08
C PRO B 590 66.91 -45.28 -34.44
N ASP B 591 66.91 -44.87 -33.17
CA ASP B 591 65.73 -44.48 -32.40
C ASP B 591 65.13 -43.10 -32.86
N CYS B 592 64.48 -43.11 -34.02
CA CYS B 592 63.89 -41.91 -34.61
C CYS B 592 62.44 -41.70 -34.12
N GLU B 593 62.22 -40.71 -33.25
CA GLU B 593 60.91 -40.44 -32.64
C GLU B 593 60.68 -38.95 -32.27
N ILE B 594 59.40 -38.57 -32.01
CA ILE B 594 58.93 -37.24 -31.59
C ILE B 594 58.90 -37.13 -30.06
N LYS B 595 59.70 -36.23 -29.48
CA LYS B 595 59.80 -36.05 -28.03
C LYS B 595 58.58 -35.30 -27.46
N ASN B 596 58.06 -34.30 -28.22
CA ASN B 596 56.88 -33.49 -27.87
C ASN B 596 56.33 -32.80 -29.13
N ARG B 597 54.99 -32.73 -29.25
CA ARG B 597 54.31 -32.10 -30.39
C ARG B 597 53.13 -31.20 -29.94
N PRO B 598 52.56 -30.32 -30.82
CA PRO B 598 51.44 -29.47 -30.38
C PRO B 598 50.19 -30.24 -29.93
N SER B 599 49.45 -29.68 -28.93
CA SER B 599 48.21 -30.26 -28.40
C SER B 599 47.01 -29.90 -29.30
N LEU B 600 46.39 -30.91 -29.91
CA LEU B 600 45.23 -30.72 -30.81
C LEU B 600 43.96 -30.39 -30.03
N LEU B 601 43.93 -30.76 -28.72
CA LEU B 601 42.82 -30.46 -27.82
C LEU B 601 42.73 -28.95 -27.63
N VAL B 602 43.88 -28.32 -27.32
CA VAL B 602 44.03 -26.86 -27.14
C VAL B 602 43.52 -26.15 -28.40
N GLU B 603 43.81 -26.71 -29.61
CA GLU B 603 43.36 -26.16 -30.88
C GLU B 603 41.83 -26.27 -31.03
N LYS B 604 41.26 -27.38 -30.54
CA LYS B 604 39.80 -27.62 -30.58
C LYS B 604 39.09 -26.64 -29.63
N ILE B 605 39.70 -26.37 -28.45
CA ILE B 605 39.21 -25.41 -27.46
C ILE B 605 39.30 -24.01 -28.07
N ASN B 606 40.37 -23.73 -28.84
CA ASN B 606 40.60 -22.44 -29.52
C ASN B 606 39.50 -22.19 -30.56
N LEU B 607 39.22 -23.20 -31.42
CA LEU B 607 38.21 -23.10 -32.48
C LEU B 607 36.79 -22.98 -31.89
N PHE B 608 36.50 -23.75 -30.82
CA PHE B 608 35.21 -23.72 -30.14
C PHE B 608 34.95 -22.30 -29.60
N ALA B 609 35.97 -21.69 -28.95
CA ALA B 609 35.88 -20.35 -28.42
C ALA B 609 35.79 -19.27 -29.56
N MET B 610 36.51 -19.48 -30.69
CA MET B 610 36.50 -18.57 -31.84
C MET B 610 35.14 -18.64 -32.58
N PHE B 611 34.81 -19.81 -33.16
CA PHE B 611 33.54 -20.05 -33.84
C PHE B 611 32.32 -19.81 -32.92
N GLY B 612 32.51 -20.12 -31.61
CA GLY B 612 31.51 -19.95 -30.56
C GLY B 612 31.09 -18.51 -30.35
N THR B 613 32.04 -17.56 -30.60
CA THR B 613 31.75 -16.12 -30.52
C THR B 613 30.74 -15.76 -31.62
N GLY B 614 30.99 -16.21 -32.86
CA GLY B 614 30.09 -15.99 -34.00
C GLY B 614 28.70 -16.55 -33.77
N ILE B 615 28.60 -17.78 -33.24
CA ILE B 615 27.31 -18.44 -32.95
C ILE B 615 26.62 -17.68 -31.81
N ALA B 616 27.37 -17.24 -30.80
CA ALA B 616 26.83 -16.50 -29.67
C ALA B 616 26.33 -15.11 -30.10
N MET B 617 27.07 -14.40 -30.95
CA MET B 617 26.72 -13.06 -31.39
C MET B 617 25.55 -13.10 -32.40
N SER B 618 25.31 -14.23 -33.07
CA SER B 618 24.22 -14.35 -34.03
C SER B 618 22.86 -14.45 -33.32
N THR B 619 22.87 -14.80 -32.00
CA THR B 619 21.68 -14.94 -31.17
C THR B 619 21.07 -13.56 -30.82
N TRP B 620 21.77 -12.47 -31.19
CA TRP B 620 21.29 -11.10 -30.96
C TRP B 620 19.95 -10.87 -31.68
N VAL B 621 19.72 -11.57 -32.77
CA VAL B 621 18.52 -11.42 -33.56
C VAL B 621 17.55 -12.62 -33.29
N TRP B 622 17.69 -13.28 -32.14
CA TRP B 622 16.83 -14.42 -31.78
C TRP B 622 15.73 -13.94 -30.82
N THR B 623 14.87 -13.06 -31.37
CA THR B 623 13.73 -12.46 -30.68
C THR B 623 12.46 -12.61 -31.55
N LYS B 624 11.29 -12.31 -30.93
CA LYS B 624 9.97 -12.37 -31.56
C LYS B 624 9.88 -11.43 -32.78
N ALA B 625 10.56 -10.26 -32.69
CA ALA B 625 10.61 -9.23 -33.73
C ALA B 625 11.11 -9.75 -35.07
N THR B 626 12.03 -10.74 -35.03
CA THR B 626 12.66 -11.37 -36.19
C THR B 626 11.62 -12.18 -37.00
N LEU B 627 10.74 -12.90 -36.30
CA LEU B 627 9.66 -13.69 -36.90
C LEU B 627 8.75 -12.77 -37.71
N LEU B 628 8.52 -11.57 -37.16
CA LEU B 628 7.73 -10.52 -37.78
C LEU B 628 8.44 -9.94 -39.00
N ILE B 629 9.79 -9.82 -38.93
CA ILE B 629 10.64 -9.29 -40.01
C ILE B 629 10.51 -10.20 -41.25
N TRP B 630 10.59 -11.52 -41.04
CA TRP B 630 10.46 -12.47 -42.13
C TRP B 630 9.01 -12.66 -42.59
N ARG B 631 8.03 -12.33 -41.73
CA ARG B 631 6.60 -12.39 -42.06
C ARG B 631 6.26 -11.29 -43.09
N ARG B 632 6.74 -10.07 -42.81
CA ARG B 632 6.54 -8.90 -43.65
C ARG B 632 7.37 -8.98 -44.93
N THR B 633 8.52 -9.71 -44.89
CA THR B 633 9.41 -9.89 -46.04
C THR B 633 8.73 -10.76 -47.10
N TRP B 634 8.25 -11.95 -46.71
CA TRP B 634 7.54 -12.91 -47.56
C TRP B 634 6.38 -12.24 -48.24
N CYS B 635 5.43 -11.70 -47.45
CA CYS B 635 4.21 -11.06 -47.94
C CYS B 635 4.53 -9.90 -48.86
N ARG B 636 5.48 -9.05 -48.44
CA ARG B 636 5.90 -7.89 -49.20
C ARG B 636 6.49 -8.28 -50.54
N LEU B 637 7.31 -9.33 -50.56
CA LEU B 637 7.96 -9.83 -51.78
C LEU B 637 7.10 -10.84 -52.50
N THR B 638 5.90 -11.13 -51.97
CA THR B 638 4.93 -12.04 -52.58
C THR B 638 3.85 -11.21 -53.27
N GLY B 639 4.02 -9.89 -53.16
CA GLY B 639 3.17 -8.87 -53.77
C GLY B 639 2.00 -8.44 -52.92
N GLN B 640 1.57 -9.31 -52.01
CA GLN B 640 0.40 -9.06 -51.18
C GLN B 640 0.70 -8.22 -49.95
N SER B 641 -0.40 -7.69 -49.36
CA SER B 641 -0.39 -6.94 -48.11
C SER B 641 -0.76 -7.92 -46.97
N ASP B 642 -1.41 -7.50 -45.89
CA ASP B 642 -1.72 -8.46 -44.81
C ASP B 642 -2.88 -9.44 -45.12
N ASP B 643 -3.50 -9.30 -46.29
CA ASP B 643 -4.55 -10.20 -46.79
C ASP B 643 -4.16 -10.59 -48.21
N HIS B 644 -4.26 -9.60 -49.10
CA HIS B 644 -4.00 -9.64 -50.54
C HIS B 644 -3.77 -8.17 -51.01
N HIS B 645 -2.97 -7.96 -52.07
CA HIS B 645 -2.57 -6.59 -52.49
C HIS B 645 -3.63 -5.68 -53.15
N HIS B 646 -3.50 -4.38 -52.83
CA HIS B 646 -4.31 -3.29 -53.34
C HIS B 646 -3.45 -2.34 -54.14
#